data_9H9D
#
_entry.id   9H9D
#
_cell.length_a   128.317
_cell.length_b   128.317
_cell.length_c   125.707
_cell.angle_alpha   90.000
_cell.angle_beta   90.000
_cell.angle_gamma   90.000
#
_symmetry.space_group_name_H-M   'P 43 21 2'
#
loop_
_entity.id
_entity.type
_entity.pdbx_description
1 polymer 'Casein kinase II subunit alpha'
2 non-polymer 1,2,3,4-tetrakis(bromanyl)-5-propan-2-yl-7,8-dihydro-6~{H}-indeno[1,2-b]indole-9,10-dione
3 non-polymer 'SULFATE ION'
4 water water
#
_entity_poly.entity_id   1
_entity_poly.type   'polypeptide(L)'
_entity_poly.pdbx_seq_one_letter_code
;MGSSHHHHHHSQDPMSGPVPSRARVYTDVNTHRPREYWDYESHVVEWGNQDDYQLVRKLGRGKYSEVFEAINITNNEKVV
VKILKPVKKKKIKREIKILENLRGGPNIITLADIVKDPVSRTPALVFEHVNNTDFKQLYQTLTDYDIRFYMYEILKALDY
CHSMGIMHRDVKPHNVMIDHEHRKLRLIDWGLAEFYHPGQEYNVRVASRYFKGPELLVDYQMYDYSLDMWSLGCMLASMI
FRKEPFFHGHDNYDQLVRIAKVLGTEDLYDYIDKYNIELDPRFNDILGRHSRKRWERFVHSENQHLVSPEALDFLDKLLR
YDHQSRLTAREAMEHPYFYTVVKDQARMG
;
_entity_poly.pdbx_strand_id   A,B
#
loop_
_chem_comp.id
_chem_comp.type
_chem_comp.name
_chem_comp.formula
A1ITG non-polymer 1,2,3,4-tetrakis(bromanyl)-5-propan-2-yl-7,8-dihydro-6~{H}-indeno[1,2-b]indole-9,10-dione 'C18 H13 Br4 N O2'
SO4 non-polymer 'SULFATE ION' 'O4 S -2'
#
# COMPACT_ATOMS: atom_id res chain seq x y z
N SER A 16 24.30 7.23 34.25
CA SER A 16 24.40 8.21 33.18
C SER A 16 23.50 7.83 32.00
N GLY A 17 23.39 6.53 31.75
CA GLY A 17 22.64 6.03 30.63
C GLY A 17 23.55 5.71 29.46
N PRO A 18 23.03 4.99 28.47
CA PRO A 18 23.86 4.59 27.33
C PRO A 18 24.21 5.77 26.44
N VAL A 19 25.39 5.67 25.83
CA VAL A 19 25.85 6.70 24.89
C VAL A 19 25.04 6.61 23.61
N PRO A 20 24.57 7.72 23.05
CA PRO A 20 23.80 7.66 21.81
C PRO A 20 24.67 7.26 20.63
N SER A 21 24.01 6.84 19.56
CA SER A 21 24.69 6.37 18.37
C SER A 21 23.90 6.78 17.13
N ARG A 22 24.60 6.91 16.00
CA ARG A 22 23.98 7.24 14.73
C ARG A 22 24.58 6.36 13.65
N ALA A 23 23.77 6.05 12.63
CA ALA A 23 24.28 5.35 11.47
C ALA A 23 25.31 6.22 10.75
N ARG A 24 26.41 5.59 10.31
CA ARG A 24 27.41 6.38 9.61
C ARG A 24 27.07 6.60 8.14
N VAL A 25 26.08 5.91 7.60
CA VAL A 25 25.60 6.14 6.24
C VAL A 25 24.08 6.18 6.25
N TYR A 26 23.52 6.88 5.26
CA TYR A 26 22.07 6.97 5.06
C TYR A 26 21.35 7.45 6.32
N THR A 27 22.00 8.36 7.06
CA THR A 27 21.53 8.73 8.39
C THR A 27 20.20 9.46 8.34
N ASP A 28 20.04 10.41 7.41
CA ASP A 28 18.92 11.34 7.42
C ASP A 28 17.99 11.15 6.21
N VAL A 29 18.07 10.00 5.53
CA VAL A 29 17.35 9.85 4.27
C VAL A 29 15.85 9.93 4.47
N ASN A 30 15.34 9.45 5.60
CA ASN A 30 13.90 9.48 5.84
C ASN A 30 13.43 10.90 6.20
N THR A 31 14.28 11.69 6.84
CA THR A 31 13.89 13.06 7.19
C THR A 31 13.68 13.94 5.96
N HIS A 32 14.44 13.69 4.90
CA HIS A 32 14.30 14.44 3.66
C HIS A 32 13.22 13.89 2.75
N ARG A 33 12.54 12.84 3.17
CA ARG A 33 11.39 12.32 2.44
C ARG A 33 10.12 13.03 2.90
N PRO A 34 9.08 13.02 2.08
CA PRO A 34 7.76 13.44 2.58
C PRO A 34 7.32 12.53 3.71
N ARG A 35 6.60 13.12 4.66
CA ARG A 35 6.07 12.43 5.83
C ARG A 35 5.46 11.07 5.48
N GLU A 36 4.68 11.02 4.40
CA GLU A 36 3.95 9.83 4.01
C GLU A 36 4.86 8.62 3.79
N TYR A 37 6.13 8.84 3.46
CA TYR A 37 7.02 7.72 3.12
C TYR A 37 7.26 6.81 4.32
N TRP A 38 7.47 7.38 5.50
CA TRP A 38 7.82 6.62 6.68
C TRP A 38 6.73 6.62 7.76
N ASP A 39 5.74 7.50 7.66
CA ASP A 39 4.65 7.57 8.63
C ASP A 39 3.57 6.55 8.24
N TYR A 40 3.93 5.27 8.42
CA TYR A 40 3.09 4.19 7.91
C TYR A 40 1.78 4.03 8.67
N GLU A 41 1.67 4.57 9.88
CA GLU A 41 0.41 4.47 10.62
C GLU A 41 -0.74 5.15 9.88
N SER A 42 -0.44 6.12 9.04
CA SER A 42 -1.46 6.84 8.27
C SER A 42 -1.66 6.25 6.88
N HIS A 43 -1.08 5.09 6.59
CA HIS A 43 -1.20 4.49 5.27
C HIS A 43 -2.58 3.85 5.11
N VAL A 44 -3.20 4.09 3.96
CA VAL A 44 -4.52 3.54 3.66
C VAL A 44 -4.36 2.38 2.68
N VAL A 45 -4.86 1.20 3.05
CA VAL A 45 -4.72 0.02 2.23
C VAL A 45 -5.86 -0.03 1.21
N GLU A 46 -5.50 -0.11 -0.06
CA GLU A 46 -6.46 -0.33 -1.14
C GLU A 46 -6.51 -1.82 -1.42
N TRP A 47 -7.61 -2.46 -1.07
CA TRP A 47 -7.71 -3.91 -1.17
C TRP A 47 -7.94 -4.35 -2.61
N GLY A 48 -7.37 -5.50 -2.96
CA GLY A 48 -7.63 -6.13 -4.23
C GLY A 48 -8.79 -7.10 -4.14
N ASN A 49 -9.01 -7.83 -5.23
CA ASN A 49 -10.12 -8.76 -5.31
C ASN A 49 -9.58 -10.15 -4.98
N GLN A 50 -10.03 -10.70 -3.85
CA GLN A 50 -9.50 -11.98 -3.43
C GLN A 50 -10.00 -13.13 -4.29
N ASP A 51 -11.17 -12.99 -4.94
CA ASP A 51 -11.61 -14.04 -5.83
C ASP A 51 -10.71 -14.20 -7.04
N ASP A 52 -9.73 -13.31 -7.22
CA ASP A 52 -8.75 -13.46 -8.28
C ASP A 52 -7.77 -14.58 -8.01
N TYR A 53 -7.73 -15.12 -6.80
CA TYR A 53 -6.71 -16.09 -6.40
C TYR A 53 -7.38 -17.34 -5.85
N GLN A 54 -6.93 -18.50 -6.34
CA GLN A 54 -7.30 -19.80 -5.79
C GLN A 54 -6.06 -20.47 -5.22
N LEU A 55 -6.19 -20.96 -3.99
CA LEU A 55 -5.06 -21.62 -3.35
C LEU A 55 -4.84 -22.99 -3.97
N VAL A 56 -3.60 -23.30 -4.31
CA VAL A 56 -3.23 -24.59 -4.87
C VAL A 56 -2.69 -25.51 -3.78
N ARG A 57 -1.73 -25.04 -2.99
CA ARG A 57 -1.14 -25.93 -1.99
C ARG A 57 -0.41 -25.13 -0.92
N LYS A 58 -0.27 -25.74 0.25
CA LYS A 58 0.44 -25.08 1.35
C LYS A 58 1.95 -25.27 1.17
N LEU A 59 2.70 -24.18 1.34
CA LEU A 59 4.15 -24.22 1.22
C LEU A 59 4.87 -24.23 2.56
N GLY A 60 4.23 -23.74 3.62
CA GLY A 60 4.86 -23.73 4.92
C GLY A 60 4.09 -22.86 5.87
N ARG A 61 4.56 -22.87 7.12
CA ARG A 61 3.96 -22.09 8.18
C ARG A 61 5.05 -21.40 8.99
N GLY A 62 4.73 -20.22 9.51
CA GLY A 62 5.66 -19.44 10.29
C GLY A 62 5.01 -18.91 11.56
N LYS A 63 5.79 -18.11 12.29
CA LYS A 63 5.30 -17.50 13.51
C LYS A 63 4.16 -16.52 13.23
N TYR A 64 4.28 -15.76 12.13
CA TYR A 64 3.33 -14.70 11.83
C TYR A 64 2.39 -15.00 10.67
N SER A 65 2.56 -16.12 9.96
CA SER A 65 1.80 -16.29 8.73
C SER A 65 1.78 -17.74 8.30
N GLU A 66 0.85 -18.05 7.39
CA GLU A 66 0.83 -19.30 6.65
C GLU A 66 0.99 -19.01 5.16
N VAL A 67 1.74 -19.85 4.46
CA VAL A 67 2.19 -19.54 3.10
C VAL A 67 1.66 -20.60 2.15
N PHE A 68 1.08 -20.15 1.03
CA PHE A 68 0.47 -21.01 0.03
C PHE A 68 0.96 -20.64 -1.36
N GLU A 69 1.06 -21.63 -2.23
CA GLU A 69 1.11 -21.40 -3.66
C GLU A 69 -0.32 -21.33 -4.19
N ALA A 70 -0.59 -20.29 -4.99
CA ALA A 70 -1.92 -20.00 -5.49
C ALA A 70 -1.84 -19.60 -6.95
N ILE A 71 -3.01 -19.54 -7.59
CA ILE A 71 -3.13 -19.21 -9.00
C ILE A 71 -3.99 -17.96 -9.13
N ASN A 72 -3.45 -16.94 -9.82
CA ASN A 72 -4.25 -15.82 -10.26
C ASN A 72 -5.02 -16.28 -11.48
N ILE A 73 -6.34 -16.44 -11.29
CA ILE A 73 -7.23 -17.00 -12.31
C ILE A 73 -7.60 -16.01 -13.40
N THR A 74 -7.33 -14.72 -13.20
CA THR A 74 -7.58 -13.76 -14.27
C THR A 74 -6.57 -13.93 -15.41
N ASN A 75 -5.33 -14.27 -15.07
CA ASN A 75 -4.28 -14.43 -16.07
C ASN A 75 -3.51 -15.73 -15.92
N ASN A 76 -4.01 -16.68 -15.11
CA ASN A 76 -3.39 -17.99 -14.92
C ASN A 76 -1.93 -17.90 -14.49
N GLU A 77 -1.61 -16.93 -13.63
CA GLU A 77 -0.23 -16.78 -13.22
C GLU A 77 0.00 -17.34 -11.82
N LYS A 78 1.15 -17.98 -11.61
CA LYS A 78 1.48 -18.53 -10.31
C LYS A 78 1.89 -17.41 -9.37
N VAL A 79 1.40 -17.45 -8.13
CA VAL A 79 1.74 -16.46 -7.10
C VAL A 79 1.88 -17.17 -5.77
N VAL A 80 2.43 -16.43 -4.80
CA VAL A 80 2.57 -16.92 -3.43
C VAL A 80 1.73 -16.04 -2.52
N VAL A 81 0.88 -16.67 -1.70
CA VAL A 81 -0.04 -15.95 -0.83
C VAL A 81 0.38 -16.18 0.61
N LYS A 82 0.63 -15.11 1.34
CA LYS A 82 1.02 -15.14 2.74
C LYS A 82 -0.17 -14.61 3.54
N ILE A 83 -0.92 -15.53 4.14
CA ILE A 83 -2.06 -15.16 4.98
C ILE A 83 -1.53 -14.85 6.37
N LEU A 84 -1.80 -13.64 6.86
CA LEU A 84 -1.17 -13.18 8.09
C LEU A 84 -1.91 -13.70 9.32
N LYS A 85 -1.18 -14.06 10.34
CA LYS A 85 -1.84 -14.34 11.61
C LYS A 85 -2.21 -13.03 12.29
N PRO A 86 -3.16 -13.05 13.23
CA PRO A 86 -3.60 -11.81 13.87
C PRO A 86 -2.43 -11.09 14.55
N VAL A 87 -2.31 -9.80 14.25
CA VAL A 87 -1.27 -8.96 14.83
C VAL A 87 -1.78 -7.53 14.75
N LYS A 88 -1.15 -6.63 15.51
CA LYS A 88 -1.52 -5.22 15.46
C LYS A 88 -1.56 -4.73 14.03
N LYS A 89 -2.64 -4.04 13.68
CA LYS A 89 -2.77 -3.47 12.33
C LYS A 89 -1.59 -2.57 12.01
N LYS A 90 -0.98 -1.98 13.03
CA LYS A 90 0.18 -1.11 12.83
C LYS A 90 1.35 -1.86 12.20
N LYS A 91 1.57 -3.12 12.60
CA LYS A 91 2.65 -3.90 12.02
C LYS A 91 2.33 -4.30 10.59
N ILE A 92 1.06 -4.59 10.29
CA ILE A 92 0.66 -4.90 8.93
C ILE A 92 0.89 -3.70 8.03
N LYS A 93 0.48 -2.52 8.48
CA LYS A 93 0.73 -1.29 7.73
C LYS A 93 2.22 -1.08 7.52
N ARG A 94 3.04 -1.35 8.55
CA ARG A 94 4.48 -1.18 8.40
C ARG A 94 5.03 -2.08 7.31
N GLU A 95 4.70 -3.37 7.36
CA GLU A 95 5.20 -4.30 6.35
C GLU A 95 4.74 -3.91 4.95
N ILE A 96 3.45 -3.55 4.81
CA ILE A 96 2.92 -3.18 3.50
C ILE A 96 3.63 -1.94 2.97
N LYS A 97 3.81 -0.93 3.82
CA LYS A 97 4.43 0.31 3.39
C LYS A 97 5.89 0.08 3.00
N ILE A 98 6.60 -0.76 3.74
CA ILE A 98 7.99 -1.04 3.40
C ILE A 98 8.08 -1.79 2.08
N LEU A 99 7.22 -2.80 1.88
CA LEU A 99 7.21 -3.53 0.62
C LEU A 99 6.92 -2.60 -0.55
N GLU A 100 6.00 -1.65 -0.37
CA GLU A 100 5.66 -0.75 -1.47
C GLU A 100 6.78 0.27 -1.71
N ASN A 101 7.45 0.72 -0.65
CA ASN A 101 8.58 1.62 -0.82
C ASN A 101 9.73 0.94 -1.56
N LEU A 102 9.95 -0.35 -1.29
CA LEU A 102 11.08 -1.06 -1.86
C LEU A 102 10.78 -1.77 -3.18
N ARG A 103 9.54 -1.72 -3.65
CA ARG A 103 9.16 -2.45 -4.85
C ARG A 103 9.96 -1.99 -6.05
N GLY A 104 10.46 -2.96 -6.83
CA GLY A 104 11.30 -2.67 -7.96
C GLY A 104 12.78 -2.59 -7.67
N GLY A 105 13.18 -2.65 -6.40
CA GLY A 105 14.58 -2.63 -6.04
C GLY A 105 15.27 -3.93 -6.36
N PRO A 106 16.60 -3.91 -6.45
CA PRO A 106 17.34 -5.12 -6.83
C PRO A 106 17.17 -6.23 -5.80
N ASN A 107 16.69 -7.39 -6.28
CA ASN A 107 16.56 -8.61 -5.49
C ASN A 107 15.60 -8.45 -4.31
N ILE A 108 14.68 -7.49 -4.38
CA ILE A 108 13.63 -7.35 -3.40
C ILE A 108 12.39 -8.09 -3.91
N ILE A 109 11.78 -8.90 -3.04
CA ILE A 109 10.55 -9.58 -3.41
C ILE A 109 9.49 -8.56 -3.77
N THR A 110 8.69 -8.87 -4.79
CA THR A 110 7.70 -7.95 -5.32
C THR A 110 6.32 -8.26 -4.71
N LEU A 111 5.73 -7.27 -4.05
CA LEU A 111 4.35 -7.38 -3.60
C LEU A 111 3.43 -7.05 -4.76
N ALA A 112 2.62 -8.02 -5.19
CA ALA A 112 1.76 -7.86 -6.35
C ALA A 112 0.34 -7.41 -5.99
N ASP A 113 -0.15 -7.76 -4.81
CA ASP A 113 -1.53 -7.44 -4.44
C ASP A 113 -1.71 -7.64 -2.94
N ILE A 114 -2.82 -7.10 -2.44
CA ILE A 114 -3.22 -7.25 -1.04
C ILE A 114 -4.72 -7.53 -1.05
N VAL A 115 -5.11 -8.65 -0.45
CA VAL A 115 -6.49 -9.11 -0.40
C VAL A 115 -6.85 -9.44 1.03
N LYS A 116 -8.12 -9.80 1.24
CA LYS A 116 -8.71 -10.00 2.55
C LYS A 116 -9.19 -11.44 2.59
N ASP A 117 -8.52 -12.28 3.37
CA ASP A 117 -8.80 -13.71 3.40
C ASP A 117 -10.22 -13.99 3.88
N PRO A 118 -11.00 -14.80 3.17
CA PRO A 118 -12.41 -14.97 3.54
C PRO A 118 -12.58 -15.77 4.82
N VAL A 119 -11.61 -16.62 5.15
CA VAL A 119 -11.69 -17.52 6.29
C VAL A 119 -11.22 -16.80 7.53
N SER A 120 -9.97 -16.36 7.51
CA SER A 120 -9.39 -15.66 8.66
C SER A 120 -9.87 -14.22 8.80
N ARG A 121 -10.46 -13.64 7.76
CA ARG A 121 -10.89 -12.24 7.71
C ARG A 121 -9.73 -11.28 7.91
N THR A 122 -8.52 -11.80 7.91
CA THR A 122 -7.18 -11.24 8.02
C THR A 122 -6.63 -10.90 6.65
N PRO A 123 -5.64 -10.02 6.56
CA PRO A 123 -5.06 -9.71 5.26
C PRO A 123 -4.16 -10.83 4.76
N ALA A 124 -4.07 -10.92 3.44
CA ALA A 124 -3.21 -11.87 2.77
C ALA A 124 -2.41 -11.08 1.74
N LEU A 125 -1.10 -11.22 1.81
CA LEU A 125 -0.21 -10.53 0.88
C LEU A 125 0.08 -11.46 -0.28
N VAL A 126 -0.02 -10.95 -1.50
CA VAL A 126 0.23 -11.73 -2.70
C VAL A 126 1.58 -11.29 -3.26
N PHE A 127 2.45 -12.25 -3.55
CA PHE A 127 3.80 -12.00 -3.97
C PHE A 127 4.09 -12.71 -5.29
N GLU A 128 5.02 -12.14 -6.04
CA GLU A 128 5.62 -12.83 -7.17
C GLU A 128 6.12 -14.19 -6.74
N HIS A 129 6.04 -15.16 -7.66
CA HIS A 129 6.47 -16.51 -7.36
C HIS A 129 7.98 -16.64 -7.54
N VAL A 130 8.60 -17.44 -6.68
CA VAL A 130 10.01 -17.79 -6.80
C VAL A 130 10.13 -19.30 -6.62
N ASN A 131 10.91 -19.94 -7.50
CA ASN A 131 11.10 -21.39 -7.44
C ASN A 131 12.34 -21.68 -6.60
N ASN A 132 12.16 -21.65 -5.28
CA ASN A 132 13.26 -21.74 -4.35
C ASN A 132 13.81 -23.16 -4.21
N THR A 133 15.13 -23.26 -4.11
CA THR A 133 15.81 -24.47 -3.67
C THR A 133 16.08 -24.35 -2.18
N ASP A 134 15.62 -25.32 -1.40
CA ASP A 134 15.76 -25.27 0.06
C ASP A 134 17.22 -25.21 0.46
N PHE A 135 17.55 -24.28 1.36
CA PHE A 135 18.96 -23.99 1.65
C PHE A 135 19.67 -25.15 2.32
N LYS A 136 18.95 -25.97 3.11
CA LYS A 136 19.59 -27.12 3.73
C LYS A 136 20.15 -28.11 2.71
N GLN A 137 19.60 -28.12 1.50
CA GLN A 137 20.13 -28.93 0.42
C GLN A 137 21.01 -28.14 -0.54
N LEU A 138 20.84 -26.82 -0.60
CA LEU A 138 21.62 -25.99 -1.51
C LEU A 138 23.02 -25.71 -0.97
N TYR A 139 23.10 -25.32 0.31
CA TYR A 139 24.38 -24.89 0.87
C TYR A 139 25.40 -26.01 0.88
N GLN A 140 24.95 -27.26 0.91
CA GLN A 140 25.87 -28.40 0.85
C GLN A 140 26.54 -28.53 -0.52
N THR A 141 25.93 -27.98 -1.56
CA THR A 141 26.43 -28.10 -2.92
C THR A 141 27.09 -26.83 -3.43
N LEU A 142 27.06 -25.75 -2.65
CA LEU A 142 27.58 -24.47 -3.12
C LEU A 142 29.09 -24.51 -3.26
N THR A 143 29.58 -24.02 -4.38
CA THR A 143 31.02 -23.83 -4.57
C THR A 143 31.45 -22.49 -3.98
N ASP A 144 32.77 -22.28 -3.96
CA ASP A 144 33.32 -20.99 -3.52
C ASP A 144 32.73 -19.84 -4.33
N TYR A 145 32.69 -19.99 -5.66
CA TYR A 145 32.16 -18.94 -6.51
C TYR A 145 30.67 -18.71 -6.26
N ASP A 146 29.91 -19.78 -6.03
CA ASP A 146 28.49 -19.62 -5.74
C ASP A 146 28.26 -18.77 -4.50
N ILE A 147 29.05 -19.03 -3.45
CA ILE A 147 28.90 -18.27 -2.22
C ILE A 147 29.23 -16.80 -2.47
N ARG A 148 30.31 -16.53 -3.20
CA ARG A 148 30.62 -15.13 -3.53
C ARG A 148 29.49 -14.46 -4.31
N PHE A 149 28.95 -15.17 -5.31
CA PHE A 149 27.90 -14.61 -6.17
C PHE A 149 26.65 -14.26 -5.37
N TYR A 150 26.17 -15.22 -4.56
CA TYR A 150 24.92 -14.98 -3.84
C TYR A 150 25.10 -13.98 -2.71
N MET A 151 26.27 -13.97 -2.07
CA MET A 151 26.57 -12.91 -1.11
C MET A 151 26.49 -11.55 -1.77
N TYR A 152 27.03 -11.43 -3.00
CA TYR A 152 26.95 -10.16 -3.72
C TYR A 152 25.51 -9.76 -4.02
N GLU A 153 24.67 -10.72 -4.42
CA GLU A 153 23.26 -10.40 -4.68
C GLU A 153 22.56 -9.92 -3.41
N ILE A 154 22.78 -10.61 -2.29
CA ILE A 154 22.19 -10.19 -1.02
C ILE A 154 22.66 -8.78 -0.69
N LEU A 155 23.94 -8.48 -0.95
CA LEU A 155 24.46 -7.15 -0.66
C LEU A 155 23.80 -6.08 -1.52
N LYS A 156 23.48 -6.42 -2.77
CA LYS A 156 22.68 -5.50 -3.58
C LYS A 156 21.37 -5.16 -2.90
N ALA A 157 20.64 -6.20 -2.46
CA ALA A 157 19.36 -5.96 -1.79
C ALA A 157 19.53 -5.12 -0.54
N LEU A 158 20.55 -5.41 0.26
CA LEU A 158 20.73 -4.72 1.53
C LEU A 158 21.14 -3.26 1.33
N ASP A 159 22.08 -3.00 0.43
CA ASP A 159 22.44 -1.63 0.14
C ASP A 159 21.25 -0.84 -0.38
N TYR A 160 20.41 -1.46 -1.22
CA TYR A 160 19.23 -0.74 -1.70
C TYR A 160 18.30 -0.37 -0.55
N CYS A 161 17.97 -1.34 0.31
CA CYS A 161 16.98 -1.05 1.35
C CYS A 161 17.55 -0.09 2.40
N HIS A 162 18.85 -0.19 2.70
CA HIS A 162 19.47 0.77 3.61
C HIS A 162 19.46 2.17 3.02
N SER A 163 19.76 2.30 1.72
CA SER A 163 19.72 3.61 1.07
C SER A 163 18.31 4.19 1.05
N MET A 164 17.30 3.34 1.13
CA MET A 164 15.90 3.78 1.21
C MET A 164 15.44 3.96 2.64
N GLY A 165 16.35 3.96 3.61
CA GLY A 165 16.00 4.24 4.99
C GLY A 165 15.36 3.11 5.75
N ILE A 166 15.63 1.86 5.34
CA ILE A 166 14.95 0.70 5.90
C ILE A 166 16.00 -0.35 6.28
N MET A 167 15.86 -0.91 7.47
CA MET A 167 16.66 -2.06 7.90
C MET A 167 15.77 -3.30 7.96
N HIS A 168 16.31 -4.43 7.52
CA HIS A 168 15.51 -5.65 7.38
C HIS A 168 15.26 -6.31 8.74
N ARG A 169 16.31 -6.46 9.54
CA ARG A 169 16.26 -6.94 10.92
C ARG A 169 15.91 -8.42 11.04
N ASP A 170 15.93 -9.19 9.95
CA ASP A 170 15.67 -10.62 10.03
C ASP A 170 16.41 -11.37 8.93
N VAL A 171 17.67 -10.98 8.68
CA VAL A 171 18.48 -11.64 7.66
C VAL A 171 18.90 -13.02 8.15
N LYS A 172 18.62 -14.04 7.34
CA LYS A 172 18.95 -15.43 7.66
C LYS A 172 18.65 -16.27 6.42
N PRO A 173 19.19 -17.50 6.34
CA PRO A 173 18.99 -18.32 5.14
C PRO A 173 17.52 -18.54 4.78
N HIS A 174 16.64 -18.75 5.75
CA HIS A 174 15.23 -18.98 5.44
C HIS A 174 14.58 -17.80 4.73
N ASN A 175 15.14 -16.59 4.86
CA ASN A 175 14.56 -15.40 4.25
C ASN A 175 15.29 -14.99 2.98
N VAL A 176 16.12 -15.86 2.42
CA VAL A 176 16.79 -15.63 1.14
C VAL A 176 16.35 -16.74 0.20
N MET A 177 15.47 -16.40 -0.74
CA MET A 177 15.00 -17.37 -1.73
C MET A 177 15.96 -17.40 -2.90
N ILE A 178 16.37 -18.60 -3.30
CA ILE A 178 17.35 -18.77 -4.37
C ILE A 178 16.79 -19.76 -5.38
N ASP A 179 16.55 -19.29 -6.59
CA ASP A 179 16.33 -20.14 -7.76
C ASP A 179 17.71 -20.38 -8.36
N HIS A 180 18.33 -21.51 -8.00
CA HIS A 180 19.72 -21.74 -8.36
C HIS A 180 19.88 -22.03 -9.85
N GLU A 181 18.88 -22.67 -10.47
CA GLU A 181 18.96 -22.93 -11.91
C GLU A 181 19.13 -21.64 -12.70
N HIS A 182 18.53 -20.55 -12.23
CA HIS A 182 18.58 -19.27 -12.94
C HIS A 182 19.46 -18.24 -12.23
N ARG A 183 20.19 -18.65 -11.20
CA ARG A 183 21.06 -17.74 -10.44
C ARG A 183 20.28 -16.51 -9.95
N LYS A 184 19.05 -16.74 -9.51
CA LYS A 184 18.15 -15.67 -9.11
C LYS A 184 17.95 -15.70 -7.59
N LEU A 185 17.91 -14.53 -6.97
CA LEU A 185 17.83 -14.43 -5.54
C LEU A 185 16.87 -13.31 -5.14
N ARG A 186 16.08 -13.55 -4.10
CA ARG A 186 15.12 -12.58 -3.58
C ARG A 186 15.21 -12.55 -2.05
N LEU A 187 15.31 -11.34 -1.50
CA LEU A 187 15.24 -11.15 -0.05
C LEU A 187 13.77 -10.98 0.34
N ILE A 188 13.29 -11.85 1.22
CA ILE A 188 11.86 -11.90 1.52
C ILE A 188 11.56 -11.63 2.99
N ASP A 189 10.28 -11.70 3.36
CA ASP A 189 9.75 -11.55 4.71
C ASP A 189 10.21 -10.26 5.38
N TRP A 190 9.56 -9.15 5.04
CA TRP A 190 9.89 -7.84 5.58
C TRP A 190 9.01 -7.47 6.78
N GLY A 191 8.39 -8.47 7.42
CA GLY A 191 7.49 -8.22 8.53
C GLY A 191 8.16 -7.68 9.78
N LEU A 192 9.48 -7.80 9.89
CA LEU A 192 10.23 -7.26 11.02
C LEU A 192 10.98 -5.98 10.67
N ALA A 193 10.96 -5.56 9.40
CA ALA A 193 11.73 -4.41 8.98
C ALA A 193 11.18 -3.13 9.59
N GLU A 194 12.05 -2.13 9.73
CA GLU A 194 11.67 -0.84 10.28
C GLU A 194 12.37 0.27 9.54
N PHE A 195 11.82 1.47 9.66
CA PHE A 195 12.44 2.67 9.15
C PHE A 195 13.49 3.17 10.13
N TYR A 196 14.66 3.55 9.62
CA TYR A 196 15.70 4.10 10.47
C TYR A 196 15.50 5.60 10.65
N HIS A 197 15.49 6.03 11.91
CA HIS A 197 15.47 7.44 12.25
C HIS A 197 16.58 7.71 13.27
N PRO A 198 17.40 8.72 13.08
CA PRO A 198 18.50 8.97 14.01
C PRO A 198 17.99 9.29 15.40
N GLY A 199 18.57 8.63 16.40
CA GLY A 199 18.18 8.81 17.79
C GLY A 199 17.03 7.94 18.27
N GLN A 200 16.39 7.19 17.37
CA GLN A 200 15.28 6.33 17.77
C GLN A 200 15.78 5.07 18.46
N GLU A 201 15.09 4.65 19.51
CA GLU A 201 15.39 3.43 20.23
C GLU A 201 14.42 2.34 19.79
N TYR A 202 14.96 1.20 19.40
CA TYR A 202 14.18 0.14 18.78
C TYR A 202 14.06 -1.07 19.68
N ASN A 203 13.05 -1.90 19.39
CA ASN A 203 12.89 -3.16 20.09
C ASN A 203 14.04 -4.09 19.74
N VAL A 204 14.69 -4.65 20.77
CA VAL A 204 15.82 -5.55 20.55
C VAL A 204 15.40 -7.00 20.35
N ARG A 205 14.10 -7.30 20.46
CA ARG A 205 13.62 -8.66 20.23
C ARG A 205 13.20 -8.81 18.77
N VAL A 206 14.22 -8.83 17.92
CA VAL A 206 14.07 -9.01 16.48
C VAL A 206 15.12 -10.00 16.02
N ALA A 207 14.94 -10.51 14.79
CA ALA A 207 15.84 -11.46 14.16
C ALA A 207 15.84 -12.82 14.86
N SER A 208 16.30 -13.86 14.16
CA SER A 208 16.45 -15.16 14.77
C SER A 208 17.66 -15.18 15.70
N ARG A 209 17.60 -16.04 16.71
CA ARG A 209 18.62 -16.05 17.76
C ARG A 209 20.02 -16.22 17.19
N TYR A 210 20.20 -17.15 16.25
CA TYR A 210 21.54 -17.45 15.73
C TYR A 210 22.13 -16.27 14.97
N PHE A 211 21.31 -15.31 14.57
CA PHE A 211 21.74 -14.18 13.76
C PHE A 211 21.60 -12.84 14.47
N LYS A 212 21.24 -12.85 15.75
CA LYS A 212 21.14 -11.62 16.52
C LYS A 212 22.50 -10.98 16.72
N GLY A 213 22.60 -9.70 16.42
CA GLY A 213 23.81 -8.95 16.68
C GLY A 213 24.03 -8.76 18.17
N PRO A 214 25.29 -8.51 18.56
CA PRO A 214 25.58 -8.27 19.99
C PRO A 214 24.80 -7.10 20.58
N GLU A 215 24.49 -6.07 19.78
CA GLU A 215 23.69 -4.96 20.29
C GLU A 215 22.33 -5.44 20.79
N LEU A 216 21.75 -6.44 20.12
CA LEU A 216 20.49 -7.00 20.59
C LEU A 216 20.69 -7.81 21.86
N LEU A 217 21.81 -8.55 21.96
CA LEU A 217 22.01 -9.45 23.08
C LEU A 217 22.39 -8.71 24.36
N VAL A 218 23.01 -7.53 24.25
CA VAL A 218 23.33 -6.72 25.43
C VAL A 218 22.30 -5.62 25.67
N ASP A 219 21.25 -5.54 24.84
CA ASP A 219 20.13 -4.62 25.03
C ASP A 219 20.56 -3.16 24.82
N TYR A 220 21.20 -2.90 23.68
CA TYR A 220 21.48 -1.53 23.23
C TYR A 220 20.49 -1.20 22.12
N GLN A 221 19.59 -0.26 22.37
CA GLN A 221 18.41 -0.05 21.54
C GLN A 221 18.62 0.90 20.37
N MET A 222 19.66 1.74 20.40
CA MET A 222 19.84 2.75 19.37
C MET A 222 20.73 2.22 18.24
N TYR A 223 20.29 1.12 17.64
CA TYR A 223 21.03 0.48 16.57
C TYR A 223 20.53 0.96 15.21
N ASP A 224 21.08 0.40 14.13
CA ASP A 224 20.82 0.94 12.80
C ASP A 224 21.03 -0.17 11.76
N TYR A 225 21.25 0.24 10.51
CA TYR A 225 21.41 -0.70 9.39
C TYR A 225 22.47 -1.77 9.67
N SER A 226 23.51 -1.41 10.44
CA SER A 226 24.64 -2.32 10.63
C SER A 226 24.24 -3.64 11.25
N LEU A 227 23.10 -3.69 11.95
CA LEU A 227 22.57 -4.95 12.46
C LEU A 227 22.52 -6.00 11.35
N ASP A 228 21.93 -5.63 10.21
CA ASP A 228 21.83 -6.58 9.11
C ASP A 228 23.19 -7.14 8.73
N MET A 229 24.23 -6.29 8.75
CA MET A 229 25.55 -6.74 8.35
C MET A 229 26.04 -7.85 9.26
N TRP A 230 25.81 -7.72 10.58
CA TRP A 230 26.19 -8.80 11.48
C TRP A 230 25.52 -10.10 11.04
N SER A 231 24.21 -10.04 10.80
CA SER A 231 23.50 -11.24 10.38
C SER A 231 24.15 -11.83 9.14
N LEU A 232 24.51 -10.96 8.19
CA LEU A 232 25.13 -11.45 6.96
C LEU A 232 26.41 -12.20 7.28
N GLY A 233 27.23 -11.66 8.17
CA GLY A 233 28.45 -12.34 8.56
C GLY A 233 28.17 -13.73 9.08
N CYS A 234 27.15 -13.86 9.95
CA CYS A 234 26.79 -15.17 10.46
C CYS A 234 26.52 -16.12 9.30
N MET A 235 25.68 -15.69 8.36
CA MET A 235 25.40 -16.51 7.19
C MET A 235 26.70 -16.92 6.51
N LEU A 236 27.57 -15.94 6.24
CA LEU A 236 28.81 -16.25 5.55
C LEU A 236 29.63 -17.27 6.32
N ALA A 237 29.68 -17.09 7.65
CA ALA A 237 30.44 -18.03 8.48
C ALA A 237 29.92 -19.44 8.29
N SER A 238 28.59 -19.60 8.27
CA SER A 238 28.02 -20.94 8.16
C SER A 238 28.30 -21.54 6.78
N MET A 239 28.48 -20.70 5.76
CA MET A 239 28.64 -21.23 4.41
C MET A 239 30.08 -21.68 4.14
N ILE A 240 31.08 -20.90 4.55
CA ILE A 240 32.45 -21.24 4.20
C ILE A 240 33.00 -22.31 5.14
N PHE A 241 32.55 -22.34 6.38
CA PHE A 241 33.00 -23.37 7.33
C PHE A 241 32.09 -24.59 7.36
N ARG A 242 30.96 -24.54 6.64
N ARG A 242 30.97 -24.56 6.62
CA ARG A 242 29.99 -25.65 6.59
CA ARG A 242 30.01 -25.67 6.60
C ARG A 242 29.54 -26.04 7.99
C ARG A 242 29.56 -26.04 8.01
N LYS A 243 29.09 -25.04 8.75
CA LYS A 243 28.56 -25.24 10.10
C LYS A 243 27.33 -24.35 10.20
N GLU A 244 26.15 -24.94 10.07
CA GLU A 244 24.90 -24.20 9.97
C GLU A 244 24.00 -24.57 11.14
N PRO A 245 23.66 -23.62 12.03
CA PRO A 245 24.14 -22.23 12.09
C PRO A 245 25.54 -22.18 12.71
N PHE A 246 26.27 -21.07 12.56
CA PHE A 246 27.64 -21.02 13.08
C PHE A 246 27.67 -20.78 14.59
N PHE A 247 27.02 -19.70 15.05
CA PHE A 247 26.87 -19.45 16.49
C PHE A 247 25.54 -20.08 16.89
N HIS A 248 25.61 -21.26 17.50
CA HIS A 248 24.42 -22.08 17.74
C HIS A 248 24.07 -22.06 19.23
N GLY A 249 23.56 -20.93 19.69
CA GLY A 249 23.22 -20.77 21.09
C GLY A 249 21.87 -21.36 21.44
N HIS A 250 21.74 -21.76 22.70
CA HIS A 250 20.49 -22.33 23.22
C HIS A 250 19.50 -21.27 23.67
N ASP A 251 19.99 -20.08 24.01
CA ASP A 251 19.14 -18.94 24.37
C ASP A 251 19.95 -17.69 24.07
N ASN A 252 19.43 -16.51 24.45
CA ASN A 252 20.11 -15.27 24.11
C ASN A 252 21.43 -15.13 24.87
N TYR A 253 21.43 -15.47 26.16
CA TYR A 253 22.65 -15.43 26.95
C TYR A 253 23.71 -16.37 26.40
N ASP A 254 23.33 -17.64 26.20
CA ASP A 254 24.27 -18.59 25.63
C ASP A 254 24.67 -18.20 24.22
N GLN A 255 23.82 -17.46 23.50
CA GLN A 255 24.20 -16.96 22.18
C GLN A 255 25.36 -15.98 22.29
N LEU A 256 25.27 -15.02 23.20
CA LEU A 256 26.39 -14.10 23.41
C LEU A 256 27.62 -14.85 23.90
N VAL A 257 27.44 -15.89 24.71
CA VAL A 257 28.58 -16.68 25.17
C VAL A 257 29.28 -17.37 24.00
N ARG A 258 28.51 -17.98 23.10
CA ARG A 258 29.09 -18.63 21.94
C ARG A 258 29.84 -17.63 21.08
N ILE A 259 29.29 -16.42 20.93
CA ILE A 259 29.99 -15.38 20.17
C ILE A 259 31.30 -15.01 20.85
N ALA A 260 31.26 -14.81 22.17
CA ALA A 260 32.43 -14.36 22.90
C ALA A 260 33.54 -15.41 22.91
N LYS A 261 33.19 -16.69 22.82
CA LYS A 261 34.22 -17.71 22.76
C LYS A 261 35.00 -17.69 21.45
N VAL A 262 34.50 -17.00 20.43
CA VAL A 262 35.20 -16.84 19.16
C VAL A 262 35.84 -15.46 19.05
N LEU A 263 35.05 -14.41 19.30
CA LEU A 263 35.53 -13.04 19.14
C LEU A 263 36.32 -12.54 20.34
N GLY A 264 36.30 -13.24 21.45
CA GLY A 264 37.03 -12.79 22.63
C GLY A 264 36.21 -11.86 23.50
N THR A 265 36.52 -11.85 24.79
CA THR A 265 35.80 -11.02 25.74
C THR A 265 36.36 -9.60 25.86
N GLU A 266 37.60 -9.39 25.44
CA GLU A 266 38.21 -8.07 25.62
C GLU A 266 37.53 -7.03 24.73
N ASP A 267 37.33 -7.35 23.45
CA ASP A 267 36.59 -6.46 22.57
C ASP A 267 35.15 -6.29 23.02
N LEU A 268 34.56 -7.34 23.58
CA LEU A 268 33.18 -7.24 24.09
C LEU A 268 33.10 -6.22 25.22
N TYR A 269 34.00 -6.32 26.19
CA TYR A 269 33.96 -5.39 27.31
C TYR A 269 34.34 -3.98 26.89
N ASP A 270 35.26 -3.84 25.92
CA ASP A 270 35.51 -2.52 25.34
C ASP A 270 34.25 -1.97 24.68
N TYR A 271 33.50 -2.82 24.00
CA TYR A 271 32.26 -2.40 23.35
C TYR A 271 31.26 -1.87 24.39
N ILE A 272 31.02 -2.64 25.45
CA ILE A 272 30.03 -2.19 26.43
C ILE A 272 30.55 -0.97 27.20
N ASP A 273 31.87 -0.81 27.30
N ASP A 273 31.86 -0.80 27.30
CA ASP A 273 32.40 0.38 27.97
CA ASP A 273 32.40 0.38 27.97
C ASP A 273 32.25 1.62 27.10
C ASP A 273 32.24 1.62 27.10
N LYS A 274 32.43 1.47 25.78
CA LYS A 274 32.35 2.62 24.88
C LYS A 274 30.96 3.25 24.88
N TYR A 275 29.92 2.42 24.90
CA TYR A 275 28.54 2.90 24.86
C TYR A 275 27.88 2.94 26.23
N ASN A 276 28.65 2.69 27.29
CA ASN A 276 28.15 2.75 28.66
C ASN A 276 26.93 1.86 28.84
N ILE A 277 27.04 0.63 28.34
CA ILE A 277 25.93 -0.31 28.35
C ILE A 277 25.88 -0.99 29.71
N GLU A 278 24.70 -1.03 30.31
CA GLU A 278 24.51 -1.74 31.57
C GLU A 278 24.33 -3.22 31.26
N LEU A 279 25.35 -4.01 31.56
CA LEU A 279 25.30 -5.44 31.29
C LEU A 279 24.34 -6.12 32.27
N ASP A 280 23.39 -6.87 31.72
CA ASP A 280 22.52 -7.71 32.53
C ASP A 280 23.36 -8.53 33.50
N PRO A 281 23.04 -8.52 34.80
CA PRO A 281 23.89 -9.23 35.78
C PRO A 281 24.08 -10.70 35.46
N ARG A 282 23.11 -11.35 34.80
CA ARG A 282 23.18 -12.79 34.56
C ARG A 282 24.38 -13.16 33.71
N PHE A 283 24.89 -12.23 32.88
CA PHE A 283 26.06 -12.52 32.08
C PHE A 283 27.31 -12.70 32.93
N ASN A 284 27.34 -12.08 34.13
CA ASN A 284 28.55 -12.09 34.96
C ASN A 284 29.15 -13.48 35.09
N ASP A 285 28.34 -14.46 35.47
CA ASP A 285 28.82 -15.79 35.78
C ASP A 285 28.92 -16.71 34.57
N ILE A 286 28.71 -16.20 33.35
CA ILE A 286 28.77 -17.08 32.18
C ILE A 286 29.68 -16.55 31.07
N LEU A 287 29.95 -15.25 30.97
CA LEU A 287 30.81 -14.77 29.90
C LEU A 287 32.25 -15.20 30.12
N GLY A 288 32.76 -15.03 31.34
CA GLY A 288 34.11 -15.44 31.66
C GLY A 288 35.16 -14.62 30.92
N ARG A 289 36.31 -15.24 30.71
CA ARG A 289 37.41 -14.64 29.97
C ARG A 289 37.76 -15.54 28.80
N HIS A 290 37.76 -14.98 27.59
CA HIS A 290 38.02 -15.75 26.39
C HIS A 290 38.88 -14.92 25.43
N SER A 291 39.88 -15.57 24.86
CA SER A 291 40.73 -14.93 23.87
C SER A 291 40.03 -14.90 22.52
N ARG A 292 40.41 -13.93 21.68
CA ARG A 292 39.92 -13.86 20.32
C ARG A 292 40.64 -14.94 19.50
N LYS A 293 39.87 -15.84 18.92
CA LYS A 293 40.44 -16.97 18.21
C LYS A 293 40.75 -16.59 16.76
N ARG A 294 41.73 -17.27 16.19
CA ARG A 294 42.03 -17.13 14.77
C ARG A 294 41.13 -18.07 13.98
N TRP A 295 40.66 -17.60 12.82
CA TRP A 295 39.68 -18.36 12.06
C TRP A 295 40.21 -19.72 11.59
N GLU A 296 41.54 -19.88 11.56
CA GLU A 296 42.14 -21.11 11.08
C GLU A 296 41.65 -22.33 11.86
N ARG A 297 41.21 -22.14 13.11
CA ARG A 297 40.80 -23.29 13.91
C ARG A 297 39.47 -23.87 13.45
N PHE A 298 38.73 -23.20 12.56
CA PHE A 298 37.47 -23.73 12.05
C PHE A 298 37.63 -24.34 10.67
N VAL A 299 38.85 -24.39 10.15
CA VAL A 299 39.14 -24.91 8.82
C VAL A 299 39.51 -26.38 8.93
N HIS A 300 38.98 -27.21 8.04
CA HIS A 300 39.29 -28.63 8.01
C HIS A 300 39.17 -29.12 6.57
N SER A 301 39.42 -30.42 6.37
CA SER A 301 39.57 -30.96 5.02
C SER A 301 38.27 -30.86 4.22
N GLU A 302 37.12 -30.85 4.89
CA GLU A 302 35.84 -30.82 4.19
C GLU A 302 35.36 -29.41 3.85
N ASN A 303 35.96 -28.36 4.42
CA ASN A 303 35.56 -27.00 4.10
C ASN A 303 36.69 -26.15 3.55
N GLN A 304 37.91 -26.68 3.43
CA GLN A 304 39.06 -25.85 3.10
C GLN A 304 38.94 -25.22 1.71
N HIS A 305 38.24 -25.88 0.79
CA HIS A 305 38.07 -25.36 -0.56
C HIS A 305 37.20 -24.12 -0.62
N LEU A 306 36.48 -23.79 0.45
CA LEU A 306 35.65 -22.60 0.50
C LEU A 306 36.27 -21.46 1.30
N VAL A 307 37.37 -21.73 2.01
CA VAL A 307 38.01 -20.75 2.87
C VAL A 307 39.26 -20.24 2.18
N SER A 308 39.42 -18.93 2.18
CA SER A 308 40.58 -18.29 1.54
C SER A 308 40.91 -17.05 2.35
N PRO A 309 42.11 -16.47 2.16
CA PRO A 309 42.44 -15.20 2.83
C PRO A 309 41.40 -14.12 2.60
N GLU A 310 40.88 -13.99 1.37
CA GLU A 310 39.90 -12.96 1.07
C GLU A 310 38.62 -13.17 1.86
N ALA A 311 38.12 -14.42 1.88
CA ALA A 311 36.90 -14.73 2.62
C ALA A 311 37.06 -14.44 4.10
N LEU A 312 38.22 -14.77 4.67
CA LEU A 312 38.42 -14.56 6.10
C LEU A 312 38.53 -13.08 6.42
N ASP A 313 39.19 -12.30 5.56
CA ASP A 313 39.27 -10.86 5.78
C ASP A 313 37.88 -10.23 5.75
N PHE A 314 37.08 -10.60 4.75
CA PHE A 314 35.71 -10.08 4.63
C PHE A 314 34.87 -10.45 5.86
N LEU A 315 34.89 -11.74 6.23
CA LEU A 315 34.14 -12.20 7.40
C LEU A 315 34.56 -11.44 8.65
N ASP A 316 35.88 -11.29 8.86
CA ASP A 316 36.37 -10.57 10.03
C ASP A 316 35.86 -9.13 10.05
N LYS A 317 35.78 -8.50 8.88
CA LYS A 317 35.27 -7.14 8.84
C LYS A 317 33.76 -7.06 8.98
N LEU A 318 33.03 -8.17 8.86
CA LEU A 318 31.61 -8.13 9.16
C LEU A 318 31.29 -8.36 10.65
N LEU A 319 31.97 -9.31 11.30
CA LEU A 319 31.59 -9.74 12.65
C LEU A 319 32.36 -8.94 13.69
N ARG A 320 31.87 -7.73 13.97
CA ARG A 320 32.42 -6.89 15.02
C ARG A 320 31.35 -6.60 16.07
N TYR A 321 31.78 -6.55 17.34
CA TYR A 321 30.88 -6.14 18.41
C TYR A 321 30.36 -4.73 18.16
N ASP A 322 31.28 -3.78 17.92
CA ASP A 322 30.92 -2.38 17.70
C ASP A 322 30.23 -2.26 16.35
N HIS A 323 28.91 -2.01 16.36
CA HIS A 323 28.15 -1.90 15.13
C HIS A 323 28.68 -0.81 14.22
N GLN A 324 29.31 0.22 14.79
CA GLN A 324 29.86 1.31 13.98
C GLN A 324 31.11 0.90 13.22
N SER A 325 31.77 -0.20 13.63
N SER A 325 31.76 -0.20 13.61
CA SER A 325 32.99 -0.65 12.97
CA SER A 325 32.99 -0.64 12.97
C SER A 325 32.72 -1.56 11.78
C SER A 325 32.76 -1.69 11.88
N ARG A 326 31.53 -2.13 11.69
CA ARG A 326 31.23 -3.09 10.63
C ARG A 326 31.19 -2.42 9.27
N LEU A 327 31.52 -3.19 8.24
CA LEU A 327 31.43 -2.70 6.88
C LEU A 327 29.99 -2.32 6.55
N THR A 328 29.83 -1.24 5.78
CA THR A 328 28.54 -0.98 5.16
C THR A 328 28.33 -1.94 4.00
N ALA A 329 27.09 -2.00 3.51
CA ALA A 329 26.78 -2.88 2.39
C ALA A 329 27.61 -2.52 1.17
N ARG A 330 27.79 -1.22 0.90
CA ARG A 330 28.55 -0.79 -0.27
C ARG A 330 30.04 -1.08 -0.10
N GLU A 331 30.59 -0.75 1.08
CA GLU A 331 31.96 -1.14 1.39
C GLU A 331 32.17 -2.63 1.22
N ALA A 332 31.22 -3.43 1.73
CA ALA A 332 31.28 -4.87 1.54
C ALA A 332 31.32 -5.24 0.07
N MET A 333 30.48 -4.59 -0.74
CA MET A 333 30.46 -4.87 -2.17
C MET A 333 31.78 -4.51 -2.84
N GLU A 334 32.57 -3.61 -2.25
CA GLU A 334 33.86 -3.24 -2.83
C GLU A 334 35.03 -4.08 -2.33
N HIS A 335 34.78 -5.17 -1.56
CA HIS A 335 35.85 -5.98 -1.00
C HIS A 335 36.49 -6.88 -2.07
N PRO A 336 37.79 -7.18 -1.94
CA PRO A 336 38.44 -8.08 -2.91
C PRO A 336 37.73 -9.43 -3.08
N TYR A 337 37.10 -9.94 -2.03
CA TYR A 337 36.36 -11.20 -2.09
C TYR A 337 35.42 -11.27 -3.29
N PHE A 338 34.97 -10.13 -3.80
CA PHE A 338 33.98 -10.09 -4.87
C PHE A 338 34.54 -9.67 -6.22
N TYR A 339 35.85 -9.41 -6.33
CA TYR A 339 36.41 -8.92 -7.59
C TYR A 339 35.98 -9.78 -8.77
N THR A 340 36.20 -11.10 -8.66
CA THR A 340 35.88 -12.00 -9.76
C THR A 340 34.39 -11.97 -10.09
N VAL A 341 33.52 -11.83 -9.07
CA VAL A 341 32.09 -11.74 -9.34
C VAL A 341 31.79 -10.44 -10.09
N VAL A 342 32.48 -9.36 -9.73
CA VAL A 342 32.26 -8.08 -10.39
C VAL A 342 32.69 -8.14 -11.86
N LYS A 343 33.59 -9.05 -12.21
CA LYS A 343 34.05 -9.29 -13.58
C LYS A 343 34.87 -8.12 -14.08
N SER B 16 5.43 29.47 -17.99
CA SER B 16 4.18 30.12 -18.37
C SER B 16 3.06 29.77 -17.42
N GLY B 17 3.07 28.53 -16.92
CA GLY B 17 2.01 28.05 -16.08
C GLY B 17 0.97 27.27 -16.86
N PRO B 18 0.10 26.55 -16.16
CA PRO B 18 -0.91 25.74 -16.85
C PRO B 18 -1.97 26.60 -17.50
N VAL B 19 -2.50 26.11 -18.62
CA VAL B 19 -3.59 26.79 -19.33
C VAL B 19 -4.88 26.65 -18.53
N PRO B 20 -5.64 27.72 -18.34
CA PRO B 20 -6.89 27.61 -17.58
C PRO B 20 -7.96 26.83 -18.34
N SER B 21 -8.99 26.41 -17.60
CA SER B 21 -10.08 25.62 -18.16
C SER B 21 -11.39 26.00 -17.47
N ARG B 22 -12.48 25.77 -18.18
CA ARG B 22 -13.83 25.96 -17.64
C ARG B 22 -14.70 24.79 -18.05
N ALA B 23 -15.68 24.49 -17.20
CA ALA B 23 -16.67 23.48 -17.56
C ALA B 23 -17.45 23.92 -18.78
N ARG B 24 -17.72 22.98 -19.68
CA ARG B 24 -18.48 23.33 -20.88
C ARG B 24 -19.97 23.38 -20.64
N VAL B 25 -20.45 22.90 -19.49
CA VAL B 25 -21.85 23.00 -19.11
C VAL B 25 -21.93 23.47 -17.67
N TYR B 26 -23.05 24.11 -17.33
CA TYR B 26 -23.34 24.55 -15.96
C TYR B 26 -22.23 25.45 -15.42
N THR B 27 -21.62 26.24 -16.29
CA THR B 27 -20.39 26.95 -15.94
C THR B 27 -20.64 28.01 -14.86
N ASP B 28 -21.72 28.78 -14.98
CA ASP B 28 -21.93 29.98 -14.18
C ASP B 28 -23.12 29.85 -13.23
N VAL B 29 -23.57 28.63 -12.95
CA VAL B 29 -24.82 28.46 -12.20
C VAL B 29 -24.69 28.98 -10.78
N ASN B 30 -23.51 28.83 -10.16
CA ASN B 30 -23.36 29.30 -8.78
C ASN B 30 -23.24 30.80 -8.68
N THR B 31 -22.64 31.45 -9.68
CA THR B 31 -22.50 32.90 -9.65
C THR B 31 -23.85 33.58 -9.79
N HIS B 32 -24.80 32.94 -10.48
CA HIS B 32 -26.15 33.48 -10.60
C HIS B 32 -27.01 33.17 -9.39
N ARG B 33 -26.49 32.43 -8.42
CA ARG B 33 -27.15 32.12 -7.16
C ARG B 33 -26.86 33.19 -6.12
N PRO B 34 -27.69 33.29 -5.08
CA PRO B 34 -27.31 34.10 -3.92
C PRO B 34 -26.04 33.53 -3.28
N ARG B 35 -25.23 34.44 -2.75
CA ARG B 35 -24.00 34.03 -2.07
C ARG B 35 -24.25 32.87 -1.10
N GLU B 36 -25.35 32.94 -0.35
CA GLU B 36 -25.63 31.95 0.70
C GLU B 36 -25.67 30.53 0.16
N TYR B 37 -25.97 30.36 -1.14
CA TYR B 37 -26.14 29.01 -1.69
C TYR B 37 -24.84 28.23 -1.67
N TRP B 38 -23.72 28.86 -2.01
CA TRP B 38 -22.44 28.18 -2.15
C TRP B 38 -21.42 28.60 -1.10
N ASP B 39 -21.65 29.69 -0.37
CA ASP B 39 -20.72 30.18 0.66
C ASP B 39 -20.98 29.43 1.96
N TYR B 40 -20.61 28.15 1.96
CA TYR B 40 -20.94 27.27 3.08
C TYR B 40 -20.20 27.61 4.35
N GLU B 41 -19.11 28.37 4.27
CA GLU B 41 -18.38 28.76 5.48
C GLU B 41 -19.26 29.60 6.40
N SER B 42 -20.23 30.31 5.85
CA SER B 42 -21.14 31.14 6.63
C SER B 42 -22.45 30.43 6.97
N HIS B 43 -22.55 29.13 6.71
CA HIS B 43 -23.76 28.38 6.97
C HIS B 43 -23.92 28.10 8.46
N VAL B 44 -25.14 28.30 8.96
CA VAL B 44 -25.48 28.01 10.36
C VAL B 44 -26.28 26.71 10.38
N VAL B 45 -25.84 25.75 11.19
CA VAL B 45 -26.41 24.41 11.21
C VAL B 45 -27.67 24.41 12.07
N GLU B 46 -28.75 23.84 11.51
CA GLU B 46 -30.00 23.65 12.26
C GLU B 46 -29.95 22.28 12.93
N TRP B 47 -29.69 22.28 14.23
CA TRP B 47 -29.53 21.02 14.96
C TRP B 47 -30.89 20.47 15.39
N GLY B 48 -31.01 19.15 15.38
CA GLY B 48 -32.12 18.45 15.96
C GLY B 48 -31.81 17.99 17.38
N ASN B 49 -32.71 17.17 17.92
CA ASN B 49 -32.57 16.61 19.26
C ASN B 49 -32.02 15.20 19.15
N GLN B 50 -30.85 14.97 19.74
CA GLN B 50 -30.19 13.68 19.63
C GLN B 50 -30.99 12.58 20.32
N ASP B 51 -31.77 12.92 21.35
CA ASP B 51 -32.57 11.93 22.07
C ASP B 51 -33.70 11.35 21.25
N ASP B 52 -33.96 11.88 20.04
CA ASP B 52 -34.97 11.29 19.18
C ASP B 52 -34.53 9.97 18.57
N TYR B 53 -33.25 9.61 18.69
CA TYR B 53 -32.67 8.46 18.00
C TYR B 53 -32.00 7.53 18.99
N GLN B 54 -32.30 6.24 18.85
CA GLN B 54 -31.62 5.19 19.59
C GLN B 54 -30.90 4.29 18.60
N LEU B 55 -29.63 4.02 18.86
CA LEU B 55 -28.84 3.19 17.95
C LEU B 55 -29.24 1.72 18.11
N VAL B 56 -29.44 1.05 16.99
CA VAL B 56 -29.78 -0.37 16.98
C VAL B 56 -28.54 -1.22 16.78
N ARG B 57 -27.75 -0.95 15.73
CA ARG B 57 -26.56 -1.76 15.54
C ARG B 57 -25.60 -1.06 14.61
N LYS B 58 -24.33 -1.45 14.68
CA LYS B 58 -23.32 -0.87 13.81
C LYS B 58 -23.37 -1.54 12.44
N LEU B 59 -23.32 -0.71 11.39
CA LEU B 59 -23.35 -1.19 10.02
C LEU B 59 -21.97 -1.21 9.36
N GLY B 60 -21.02 -0.43 9.87
CA GLY B 60 -19.70 -0.39 9.27
C GLY B 60 -18.89 0.74 9.82
N ARG B 61 -17.64 0.81 9.34
CA ARG B 61 -16.68 1.82 9.73
C ARG B 61 -16.03 2.41 8.48
N GLY B 62 -15.71 3.69 8.54
CA GLY B 62 -15.09 4.37 7.42
C GLY B 62 -13.93 5.25 7.86
N LYS B 63 -13.35 5.94 6.88
CA LYS B 63 -12.27 6.86 7.17
C LYS B 63 -12.76 8.05 7.99
N TYR B 64 -13.94 8.57 7.65
CA TYR B 64 -14.44 9.79 8.27
C TYR B 64 -15.58 9.55 9.25
N SER B 65 -16.09 8.33 9.36
CA SER B 65 -17.33 8.15 10.10
C SER B 65 -17.52 6.68 10.45
N GLU B 66 -18.42 6.45 11.41
CA GLU B 66 -18.95 5.14 11.70
C GLU B 66 -20.46 5.18 11.46
N VAL B 67 -21.00 4.08 10.91
CA VAL B 67 -22.35 4.06 10.38
C VAL B 67 -23.19 3.07 11.18
N PHE B 68 -24.37 3.51 11.61
CA PHE B 68 -25.24 2.73 12.46
C PHE B 68 -26.65 2.71 11.88
N GLU B 69 -27.34 1.60 12.10
CA GLU B 69 -28.78 1.55 11.97
C GLU B 69 -29.40 1.98 13.30
N ALA B 70 -30.36 2.91 13.22
CA ALA B 70 -30.96 3.50 14.40
C ALA B 70 -32.47 3.64 14.21
N ILE B 71 -33.15 3.93 15.31
CA ILE B 71 -34.60 4.08 15.34
C ILE B 71 -34.93 5.49 15.85
N ASN B 72 -35.70 6.23 15.05
CA ASN B 72 -36.31 7.48 15.51
C ASN B 72 -37.54 7.12 16.34
N ILE B 73 -37.42 7.33 17.65
CA ILE B 73 -38.45 6.92 18.61
C ILE B 73 -39.64 7.85 18.67
N THR B 74 -39.55 9.06 18.11
CA THR B 74 -40.71 9.93 18.06
C THR B 74 -41.74 9.41 17.07
N ASN B 75 -41.29 8.80 15.97
CA ASN B 75 -42.19 8.25 14.96
C ASN B 75 -41.87 6.80 14.62
N ASN B 76 -41.02 6.15 15.41
CA ASN B 76 -40.69 4.74 15.23
C ASN B 76 -40.18 4.43 13.82
N GLU B 77 -39.43 5.34 13.22
CA GLU B 77 -38.97 5.10 11.85
C GLU B 77 -37.49 4.75 11.82
N LYS B 78 -37.14 3.82 10.94
CA LYS B 78 -35.76 3.37 10.80
C LYS B 78 -34.94 4.42 10.04
N VAL B 79 -33.73 4.69 10.53
CA VAL B 79 -32.82 5.65 9.91
C VAL B 79 -31.39 5.14 9.97
N VAL B 80 -30.50 5.83 9.27
CA VAL B 80 -29.08 5.54 9.28
C VAL B 80 -28.34 6.72 9.87
N VAL B 81 -27.48 6.48 10.86
CA VAL B 81 -26.76 7.53 11.57
C VAL B 81 -25.28 7.40 11.24
N LYS B 82 -24.70 8.49 10.75
CA LYS B 82 -23.29 8.58 10.40
C LYS B 82 -22.64 9.47 11.45
N ILE B 83 -22.00 8.84 12.44
CA ILE B 83 -21.30 9.57 13.49
C ILE B 83 -19.92 9.94 12.96
N LEU B 84 -19.62 11.25 12.93
CA LEU B 84 -18.44 11.75 12.27
C LEU B 84 -17.22 11.68 13.17
N LYS B 85 -16.09 11.31 12.58
CA LYS B 85 -14.79 11.42 13.21
C LYS B 85 -14.34 12.88 13.16
N PRO B 86 -13.34 13.27 13.96
CA PRO B 86 -12.94 14.68 13.99
C PRO B 86 -12.57 15.20 12.61
N VAL B 87 -13.14 16.35 12.27
CA VAL B 87 -12.90 16.99 10.98
C VAL B 87 -13.20 18.48 11.14
N LYS B 88 -12.60 19.29 10.26
CA LYS B 88 -12.82 20.74 10.25
C LYS B 88 -14.31 21.06 10.15
N LYS B 89 -14.78 21.99 11.00
CA LYS B 89 -16.18 22.38 10.96
C LYS B 89 -16.59 22.89 9.58
N LYS B 90 -15.67 23.50 8.85
CA LYS B 90 -15.99 23.99 7.51
C LYS B 90 -16.39 22.86 6.57
N LYS B 91 -15.74 21.69 6.70
CA LYS B 91 -16.07 20.57 5.83
C LYS B 91 -17.43 19.96 6.19
N ILE B 92 -17.77 19.94 7.49
CA ILE B 92 -19.10 19.50 7.89
C ILE B 92 -20.14 20.46 7.35
N LYS B 93 -19.87 21.77 7.46
CA LYS B 93 -20.78 22.77 6.88
C LYS B 93 -20.94 22.54 5.38
N ARG B 94 -19.84 22.22 4.68
CA ARG B 94 -19.90 21.97 3.25
C ARG B 94 -20.80 20.78 2.94
N GLU B 95 -20.58 19.65 3.62
CA GLU B 95 -21.40 18.47 3.36
C GLU B 95 -22.87 18.73 3.66
N ILE B 96 -23.15 19.40 4.79
CA ILE B 96 -24.53 19.69 5.16
C ILE B 96 -25.19 20.61 4.12
N LYS B 97 -24.47 21.66 3.71
CA LYS B 97 -25.03 22.61 2.75
C LYS B 97 -25.30 21.95 1.41
N ILE B 98 -24.39 21.08 0.97
CA ILE B 98 -24.59 20.39 -0.31
C ILE B 98 -25.77 19.44 -0.22
N LEU B 99 -25.85 18.67 0.88
CA LEU B 99 -26.99 17.76 1.06
C LEU B 99 -28.30 18.51 1.08
N GLU B 100 -28.34 19.68 1.72
CA GLU B 100 -29.58 20.44 1.79
C GLU B 100 -29.92 21.10 0.45
N ASN B 101 -28.90 21.54 -0.29
CA ASN B 101 -29.15 22.09 -1.62
C ASN B 101 -29.70 21.02 -2.56
N LEU B 102 -29.23 19.79 -2.43
CA LEU B 102 -29.62 18.71 -3.34
C LEU B 102 -30.82 17.91 -2.85
N ARG B 103 -31.33 18.19 -1.65
CA ARG B 103 -32.39 17.38 -1.08
C ARG B 103 -33.62 17.38 -1.98
N GLY B 104 -34.19 16.20 -2.19
CA GLY B 104 -35.31 16.04 -3.09
C GLY B 104 -34.96 15.77 -4.54
N GLY B 105 -33.68 15.84 -4.89
CA GLY B 105 -33.25 15.56 -6.25
C GLY B 105 -33.30 14.09 -6.57
N PRO B 106 -33.31 13.75 -7.85
CA PRO B 106 -33.43 12.34 -8.25
C PRO B 106 -32.25 11.51 -7.78
N ASN B 107 -32.56 10.44 -7.03
CA ASN B 107 -31.60 9.44 -6.57
C ASN B 107 -30.51 10.02 -5.66
N ILE B 108 -30.77 11.17 -5.03
CA ILE B 108 -29.86 11.73 -4.03
C ILE B 108 -30.34 11.29 -2.64
N ILE B 109 -29.41 10.82 -1.82
CA ILE B 109 -29.74 10.44 -0.45
C ILE B 109 -30.31 11.64 0.30
N THR B 110 -31.30 11.38 1.15
CA THR B 110 -32.01 12.42 1.89
C THR B 110 -31.40 12.56 3.28
N LEU B 111 -30.92 13.76 3.60
CA LEU B 111 -30.52 14.09 4.96
C LEU B 111 -31.75 14.45 5.78
N ALA B 112 -32.04 13.66 6.81
CA ALA B 112 -33.23 13.83 7.61
C ALA B 112 -33.01 14.69 8.84
N ASP B 113 -31.81 14.68 9.40
CA ASP B 113 -31.58 15.42 10.64
C ASP B 113 -30.08 15.54 10.87
N ILE B 114 -29.72 16.45 11.78
CA ILE B 114 -28.35 16.67 12.21
C ILE B 114 -28.36 16.83 13.72
N VAL B 115 -27.62 15.99 14.45
CA VAL B 115 -27.62 16.05 15.90
C VAL B 115 -26.19 16.07 16.41
N LYS B 116 -26.06 16.45 17.69
CA LYS B 116 -24.76 16.57 18.34
C LYS B 116 -24.85 16.00 19.75
N ASP B 117 -24.01 15.03 20.04
CA ASP B 117 -23.97 14.43 21.38
C ASP B 117 -23.75 15.57 22.37
N PRO B 118 -24.62 15.74 23.37
CA PRO B 118 -24.45 16.90 24.26
C PRO B 118 -23.19 16.81 25.09
N VAL B 119 -22.70 15.60 25.34
CA VAL B 119 -21.52 15.38 26.17
C VAL B 119 -20.24 15.38 25.33
N SER B 120 -20.11 14.43 24.40
CA SER B 120 -18.89 14.34 23.61
C SER B 120 -18.80 15.43 22.55
N ARG B 121 -19.90 16.11 22.25
CA ARG B 121 -19.97 17.15 21.23
C ARG B 121 -19.65 16.62 19.84
N THR B 122 -19.70 15.30 19.64
CA THR B 122 -19.40 14.92 18.26
C THR B 122 -20.67 14.97 17.40
N PRO B 123 -20.56 15.40 16.15
CA PRO B 123 -21.73 15.46 15.28
C PRO B 123 -22.09 14.13 14.63
N ALA B 124 -23.39 13.97 14.36
CA ALA B 124 -23.92 12.81 13.66
C ALA B 124 -24.94 13.24 12.62
N LEU B 125 -24.78 12.77 11.39
CA LEU B 125 -25.74 13.05 10.33
C LEU B 125 -26.74 11.90 10.25
N VAL B 126 -28.03 12.25 10.16
CA VAL B 126 -29.10 11.25 10.08
C VAL B 126 -29.61 11.22 8.65
N PHE B 127 -29.74 10.02 8.09
CA PHE B 127 -30.12 9.82 6.69
C PHE B 127 -31.30 8.86 6.61
N GLU B 128 -32.08 9.02 5.53
CA GLU B 128 -33.07 8.02 5.16
C GLU B 128 -32.43 6.65 5.04
N HIS B 129 -33.18 5.62 5.36
CA HIS B 129 -32.68 4.26 5.26
C HIS B 129 -32.84 3.71 3.85
N VAL B 130 -31.85 2.93 3.41
CA VAL B 130 -31.88 2.20 2.16
C VAL B 130 -31.43 0.78 2.43
N ASN B 131 -32.13 -0.20 1.87
CA ASN B 131 -31.80 -1.62 2.09
C ASN B 131 -30.84 -2.08 0.99
N ASN B 132 -29.56 -1.74 1.18
CA ASN B 132 -28.56 -2.00 0.16
C ASN B 132 -28.14 -3.46 0.15
N THR B 133 -27.97 -4.00 -1.05
CA THR B 133 -27.30 -5.28 -1.26
C THR B 133 -25.85 -4.98 -1.62
N ASP B 134 -24.92 -5.57 -0.86
CA ASP B 134 -23.51 -5.26 -1.05
C ASP B 134 -23.07 -5.59 -2.47
N PHE B 135 -22.34 -4.66 -3.09
CA PHE B 135 -22.07 -4.76 -4.52
C PHE B 135 -21.24 -6.00 -4.85
N LYS B 136 -20.45 -6.50 -3.89
CA LYS B 136 -19.65 -7.70 -4.14
C LYS B 136 -20.53 -8.89 -4.48
N GLN B 137 -21.77 -8.91 -4.01
CA GLN B 137 -22.71 -9.97 -4.36
C GLN B 137 -23.71 -9.54 -5.43
N LEU B 138 -23.97 -8.24 -5.57
CA LEU B 138 -24.96 -7.78 -6.54
C LEU B 138 -24.38 -7.74 -7.95
N TYR B 139 -23.18 -7.17 -8.10
CA TYR B 139 -22.62 -6.96 -9.43
C TYR B 139 -22.36 -8.27 -10.16
N GLN B 140 -22.09 -9.35 -9.43
CA GLN B 140 -21.91 -10.66 -10.06
C GLN B 140 -23.20 -11.20 -10.65
N THR B 141 -24.36 -10.74 -10.17
CA THR B 141 -25.65 -11.24 -10.62
C THR B 141 -26.36 -10.30 -11.59
N LEU B 142 -25.81 -9.12 -11.84
CA LEU B 142 -26.47 -8.14 -12.69
C LEU B 142 -26.46 -8.58 -14.15
N THR B 143 -27.61 -8.43 -14.81
CA THR B 143 -27.69 -8.65 -16.24
C THR B 143 -27.27 -7.39 -16.99
N ASP B 144 -27.15 -7.53 -18.31
CA ASP B 144 -26.86 -6.39 -19.18
C ASP B 144 -27.87 -5.26 -18.97
N TYR B 145 -29.16 -5.62 -18.94
CA TYR B 145 -30.20 -4.62 -18.77
C TYR B 145 -30.10 -3.96 -17.39
N ASP B 146 -29.77 -4.74 -16.36
CA ASP B 146 -29.62 -4.17 -15.02
C ASP B 146 -28.54 -3.10 -15.00
N ILE B 147 -27.40 -3.39 -15.64
CA ILE B 147 -26.30 -2.42 -15.66
C ILE B 147 -26.72 -1.16 -16.39
N ARG B 148 -27.39 -1.31 -17.53
CA ARG B 148 -27.88 -0.12 -18.23
C ARG B 148 -28.83 0.70 -17.36
N PHE B 149 -29.75 0.02 -16.66
CA PHE B 149 -30.74 0.71 -15.83
C PHE B 149 -30.07 1.49 -14.71
N TYR B 150 -29.17 0.84 -13.97
CA TYR B 150 -28.56 1.51 -12.82
C TYR B 150 -27.58 2.60 -13.26
N MET B 151 -26.88 2.40 -14.38
CA MET B 151 -26.10 3.50 -14.94
C MET B 151 -26.98 4.70 -15.26
N TYR B 152 -28.16 4.46 -15.82
CA TYR B 152 -29.06 5.58 -16.11
C TYR B 152 -29.49 6.30 -14.83
N GLU B 153 -29.78 5.55 -13.78
CA GLU B 153 -30.16 6.17 -12.51
C GLU B 153 -29.03 7.04 -11.94
N ILE B 154 -27.80 6.50 -11.97
CA ILE B 154 -26.65 7.27 -11.52
C ILE B 154 -26.51 8.54 -12.35
N LEU B 155 -26.75 8.44 -13.65
CA LEU B 155 -26.64 9.61 -14.51
C LEU B 155 -27.70 10.66 -14.18
N LYS B 156 -28.90 10.22 -13.80
CA LYS B 156 -29.89 11.17 -13.29
C LYS B 156 -29.34 11.95 -12.11
N ALA B 157 -28.81 11.23 -11.12
CA ALA B 157 -28.25 11.90 -9.94
C ALA B 157 -27.14 12.88 -10.32
N LEU B 158 -26.25 12.45 -11.22
CA LEU B 158 -25.09 13.26 -11.57
C LEU B 158 -25.49 14.51 -12.35
N ASP B 159 -26.38 14.36 -13.34
CA ASP B 159 -26.86 15.53 -14.06
C ASP B 159 -27.54 16.51 -13.13
N TYR B 160 -28.32 16.01 -12.16
CA TYR B 160 -28.96 16.92 -11.23
C TYR B 160 -27.93 17.70 -10.41
N CYS B 161 -26.97 16.99 -9.81
CA CYS B 161 -26.04 17.70 -8.92
C CYS B 161 -25.13 18.63 -9.72
N HIS B 162 -24.73 18.24 -10.94
CA HIS B 162 -23.96 19.15 -11.79
C HIS B 162 -24.77 20.38 -12.15
N SER B 163 -26.05 20.20 -12.49
CA SER B 163 -26.91 21.35 -12.79
C SER B 163 -27.11 22.24 -11.58
N MET B 164 -26.95 21.72 -10.37
CA MET B 164 -27.02 22.52 -9.16
C MET B 164 -25.66 23.05 -8.74
N GLY B 165 -24.66 22.98 -9.62
CA GLY B 165 -23.37 23.58 -9.36
C GLY B 165 -22.47 22.80 -8.44
N ILE B 166 -22.63 21.48 -8.36
CA ILE B 166 -21.93 20.65 -7.39
C ILE B 166 -21.33 19.44 -8.12
N MET B 167 -20.07 19.15 -7.83
CA MET B 167 -19.42 17.93 -8.27
C MET B 167 -19.20 17.01 -7.08
N HIS B 168 -19.43 15.71 -7.30
CA HIS B 168 -19.41 14.75 -6.19
C HIS B 168 -17.98 14.40 -5.77
N ARG B 169 -17.11 14.14 -6.75
CA ARG B 169 -15.67 13.91 -6.57
C ARG B 169 -15.34 12.62 -5.85
N ASP B 170 -16.31 11.70 -5.68
CA ASP B 170 -16.01 10.42 -5.05
C ASP B 170 -16.96 9.34 -5.56
N VAL B 171 -17.22 9.34 -6.87
CA VAL B 171 -18.11 8.34 -7.46
C VAL B 171 -17.39 7.00 -7.52
N LYS B 172 -18.03 5.97 -6.98
CA LYS B 172 -17.50 4.62 -6.94
C LYS B 172 -18.59 3.68 -6.42
N PRO B 173 -18.44 2.37 -6.63
CA PRO B 173 -19.52 1.44 -6.22
C PRO B 173 -19.92 1.55 -4.76
N HIS B 174 -18.95 1.73 -3.85
CA HIS B 174 -19.27 1.82 -2.43
C HIS B 174 -20.19 2.99 -2.10
N ASN B 175 -20.24 4.01 -2.94
CA ASN B 175 -21.07 5.18 -2.69
C ASN B 175 -22.36 5.16 -3.50
N VAL B 176 -22.73 4.00 -4.06
CA VAL B 176 -23.99 3.83 -4.76
C VAL B 176 -24.77 2.73 -4.05
N MET B 177 -25.81 3.12 -3.31
CA MET B 177 -26.65 2.18 -2.60
C MET B 177 -27.76 1.69 -3.52
N ILE B 178 -27.95 0.38 -3.59
CA ILE B 178 -28.92 -0.23 -4.49
C ILE B 178 -29.81 -1.17 -3.71
N ASP B 179 -31.10 -0.85 -3.63
CA ASP B 179 -32.14 -1.78 -3.20
C ASP B 179 -32.64 -2.47 -4.47
N HIS B 180 -32.11 -3.66 -4.74
CA HIS B 180 -32.40 -4.32 -6.01
C HIS B 180 -33.82 -4.85 -6.08
N GLU B 181 -34.37 -5.29 -4.94
CA GLU B 181 -35.75 -5.77 -4.92
C GLU B 181 -36.72 -4.70 -5.41
N HIS B 182 -36.43 -3.43 -5.11
CA HIS B 182 -37.31 -2.33 -5.46
C HIS B 182 -36.73 -1.46 -6.57
N ARG B 183 -35.63 -1.88 -7.19
CA ARG B 183 -35.01 -1.15 -8.30
C ARG B 183 -34.71 0.30 -7.91
N LYS B 184 -34.28 0.50 -6.67
CA LYS B 184 -34.04 1.83 -6.13
C LYS B 184 -32.56 2.07 -5.94
N LEU B 185 -32.10 3.30 -6.23
CA LEU B 185 -30.69 3.64 -6.18
C LEU B 185 -30.52 5.01 -5.56
N ARG B 186 -29.49 5.15 -4.73
CA ARG B 186 -29.17 6.41 -4.08
C ARG B 186 -27.67 6.65 -4.15
N LEU B 187 -27.29 7.85 -4.57
CA LEU B 187 -25.89 8.28 -4.53
C LEU B 187 -25.61 8.91 -3.17
N ILE B 188 -24.65 8.36 -2.43
CA ILE B 188 -24.44 8.76 -1.04
C ILE B 188 -23.05 9.33 -0.83
N ASP B 189 -22.75 9.66 0.43
CA ASP B 189 -21.45 10.16 0.88
C ASP B 189 -20.98 11.36 0.08
N TRP B 190 -21.54 12.53 0.42
CA TRP B 190 -21.22 13.79 -0.24
C TRP B 190 -20.16 14.60 0.51
N GLY B 191 -19.39 13.93 1.38
CA GLY B 191 -18.40 14.62 2.19
C GLY B 191 -17.21 15.16 1.40
N LEU B 192 -17.02 14.69 0.17
CA LEU B 192 -15.94 15.17 -0.68
C LEU B 192 -16.41 16.13 -1.76
N ALA B 193 -17.72 16.34 -1.88
CA ALA B 193 -18.27 17.17 -2.94
C ALA B 193 -17.90 18.64 -2.74
N GLU B 194 -17.86 19.38 -3.84
CA GLU B 194 -17.56 20.81 -3.81
C GLU B 194 -18.43 21.55 -4.81
N PHE B 195 -18.54 22.86 -4.59
CA PHE B 195 -19.21 23.75 -5.54
C PHE B 195 -18.25 24.12 -6.65
N TYR B 196 -18.73 24.09 -7.90
CA TYR B 196 -17.91 24.49 -9.03
C TYR B 196 -17.98 25.99 -9.23
N HIS B 197 -16.81 26.62 -9.32
CA HIS B 197 -16.69 28.03 -9.65
C HIS B 197 -15.67 28.16 -10.78
N PRO B 198 -15.97 28.91 -11.83
CA PRO B 198 -15.02 29.03 -12.94
C PRO B 198 -13.73 29.71 -12.49
N GLY B 199 -12.60 29.09 -12.83
CA GLY B 199 -11.29 29.61 -12.45
C GLY B 199 -10.79 29.14 -11.11
N GLN B 200 -11.61 28.45 -10.32
CA GLN B 200 -11.17 27.97 -9.02
C GLN B 200 -10.26 26.77 -9.17
N GLU B 201 -9.22 26.72 -8.36
CA GLU B 201 -8.28 25.59 -8.32
C GLU B 201 -8.59 24.72 -7.12
N TYR B 202 -8.75 23.43 -7.36
CA TYR B 202 -9.24 22.49 -6.37
C TYR B 202 -8.14 21.54 -5.91
N ASN B 203 -8.37 20.94 -4.75
CA ASN B 203 -7.47 19.91 -4.23
C ASN B 203 -7.56 18.66 -5.11
N VAL B 204 -6.40 18.16 -5.53
CA VAL B 204 -6.35 16.96 -6.36
C VAL B 204 -6.31 15.69 -5.53
N ARG B 205 -6.27 15.80 -4.20
CA ARG B 205 -6.27 14.63 -3.32
C ARG B 205 -7.72 14.30 -2.93
N VAL B 206 -8.46 13.81 -3.92
CA VAL B 206 -9.84 13.39 -3.75
C VAL B 206 -10.05 12.08 -4.47
N ALA B 207 -11.16 11.41 -4.15
CA ALA B 207 -11.57 10.14 -4.73
C ALA B 207 -10.64 8.99 -4.36
N SER B 208 -11.12 7.76 -4.53
CA SER B 208 -10.30 6.58 -4.32
C SER B 208 -9.32 6.40 -5.49
N ARG B 209 -8.22 5.68 -5.21
CA ARG B 209 -7.14 5.56 -6.18
C ARG B 209 -7.63 5.07 -7.53
N TYR B 210 -8.41 3.98 -7.55
CA TYR B 210 -8.81 3.35 -8.79
C TYR B 210 -9.75 4.22 -9.63
N PHE B 211 -10.35 5.25 -9.06
CA PHE B 211 -11.33 6.07 -9.76
C PHE B 211 -10.85 7.50 -10.00
N LYS B 212 -9.61 7.81 -9.66
CA LYS B 212 -9.06 9.14 -9.89
C LYS B 212 -8.91 9.41 -11.38
N GLY B 213 -9.41 10.55 -11.83
CA GLY B 213 -9.22 10.99 -13.19
C GLY B 213 -7.78 11.39 -13.46
N PRO B 214 -7.37 11.36 -14.73
CA PRO B 214 -5.99 11.77 -15.07
C PRO B 214 -5.66 13.18 -14.62
N GLU B 215 -6.62 14.09 -14.59
CA GLU B 215 -6.36 15.45 -14.13
C GLU B 215 -5.90 15.46 -12.67
N LEU B 216 -6.41 14.54 -11.85
CA LEU B 216 -5.93 14.44 -10.47
C LEU B 216 -4.52 13.86 -10.43
N LEU B 217 -4.23 12.87 -11.27
CA LEU B 217 -2.96 12.17 -11.20
C LEU B 217 -1.82 13.01 -11.76
N VAL B 218 -2.11 13.93 -12.69
CA VAL B 218 -1.08 14.82 -13.23
C VAL B 218 -1.07 16.17 -12.54
N ASP B 219 -1.92 16.37 -11.53
CA ASP B 219 -1.91 17.57 -10.70
C ASP B 219 -2.35 18.80 -11.49
N TYR B 220 -3.49 18.67 -12.17
CA TYR B 220 -4.14 19.80 -12.83
C TYR B 220 -5.35 20.21 -11.99
N GLN B 221 -5.29 21.40 -11.41
CA GLN B 221 -6.23 21.78 -10.36
C GLN B 221 -7.51 22.42 -10.85
N MET B 222 -7.56 22.93 -12.08
CA MET B 222 -8.73 23.66 -12.56
C MET B 222 -9.71 22.72 -13.27
N TYR B 223 -10.13 21.69 -12.55
CA TYR B 223 -11.05 20.69 -13.09
C TYR B 223 -12.50 21.05 -12.75
N ASP B 224 -13.43 20.18 -13.14
CA ASP B 224 -14.85 20.52 -13.05
C ASP B 224 -15.67 19.24 -12.96
N TYR B 225 -16.97 19.34 -13.30
CA TYR B 225 -17.89 18.20 -13.20
C TYR B 225 -17.39 16.97 -13.93
N SER B 226 -16.65 17.15 -15.03
CA SER B 226 -16.25 16.02 -15.86
C SER B 226 -15.44 14.99 -15.10
N LEU B 227 -14.81 15.38 -13.98
CA LEU B 227 -14.14 14.42 -13.12
C LEU B 227 -15.06 13.25 -12.79
N ASP B 228 -16.28 13.55 -12.35
CA ASP B 228 -17.23 12.50 -12.00
C ASP B 228 -17.43 11.54 -13.17
N MET B 229 -17.49 12.08 -14.38
CA MET B 229 -17.73 11.21 -15.54
C MET B 229 -16.62 10.18 -15.68
N TRP B 230 -15.36 10.59 -15.48
CA TRP B 230 -14.28 9.60 -15.52
C TRP B 230 -14.55 8.48 -14.54
N SER B 231 -14.89 8.84 -13.30
CA SER B 231 -15.17 7.82 -12.31
C SER B 231 -16.27 6.89 -12.78
N LEU B 232 -17.32 7.46 -13.38
CA LEU B 232 -18.41 6.63 -13.89
C LEU B 232 -17.89 5.63 -14.90
N GLY B 233 -17.04 6.08 -15.82
CA GLY B 233 -16.46 5.17 -16.79
C GLY B 233 -15.76 4.02 -16.12
N CYS B 234 -14.96 4.32 -15.09
CA CYS B 234 -14.27 3.26 -14.35
C CYS B 234 -15.29 2.24 -13.86
N MET B 235 -16.33 2.71 -13.17
CA MET B 235 -17.37 1.80 -12.70
C MET B 235 -17.90 0.96 -13.84
N LEU B 236 -18.26 1.62 -14.94
CA LEU B 236 -18.86 0.89 -16.04
C LEU B 236 -17.94 -0.19 -16.55
N ALA B 237 -16.65 0.13 -16.68
CA ALA B 237 -15.71 -0.88 -17.17
C ALA B 237 -15.74 -2.10 -16.27
N SER B 238 -15.65 -1.89 -14.96
CA SER B 238 -15.55 -3.01 -14.04
C SER B 238 -16.81 -3.85 -14.09
N MET B 239 -17.95 -3.25 -14.44
CA MET B 239 -19.16 -4.03 -14.49
C MET B 239 -19.28 -4.81 -15.79
N ILE B 240 -18.91 -4.21 -16.93
CA ILE B 240 -19.16 -4.93 -18.17
C ILE B 240 -18.09 -5.98 -18.40
N PHE B 241 -16.86 -5.74 -17.92
CA PHE B 241 -15.78 -6.70 -18.07
C PHE B 241 -15.64 -7.63 -16.87
N ARG B 242 -16.40 -7.40 -15.81
N ARG B 242 -16.40 -7.41 -15.80
CA ARG B 242 -16.30 -8.15 -14.55
CA ARG B 242 -16.28 -8.21 -14.57
C ARG B 242 -14.85 -8.21 -14.06
C ARG B 242 -14.83 -8.21 -14.07
N LYS B 243 -14.29 -7.01 -13.89
CA LYS B 243 -12.90 -6.84 -13.48
C LYS B 243 -12.83 -5.67 -12.51
N GLU B 244 -12.75 -5.98 -11.21
CA GLU B 244 -12.82 -4.96 -10.17
C GLU B 244 -11.53 -4.97 -9.35
N PRO B 245 -10.78 -3.87 -9.32
CA PRO B 245 -10.97 -2.63 -10.08
C PRO B 245 -10.48 -2.77 -11.51
N PHE B 246 -10.87 -1.88 -12.42
CA PHE B 246 -10.41 -2.00 -13.80
C PHE B 246 -8.98 -1.49 -13.94
N PHE B 247 -8.72 -0.27 -13.50
CA PHE B 247 -7.36 0.26 -13.41
C PHE B 247 -6.84 -0.01 -12.00
N HIS B 248 -5.98 -1.01 -11.88
CA HIS B 248 -5.53 -1.54 -10.59
C HIS B 248 -4.11 -1.09 -10.30
N GLY B 249 -3.96 0.19 -9.96
CA GLY B 249 -2.64 0.74 -9.70
C GLY B 249 -2.14 0.47 -8.30
N HIS B 250 -0.81 0.45 -8.17
CA HIS B 250 -0.19 0.23 -6.86
C HIS B 250 -0.15 1.50 -6.04
N ASP B 251 -0.12 2.65 -6.70
CA ASP B 251 -0.14 3.96 -6.06
C ASP B 251 -0.66 4.95 -7.12
N ASN B 252 -0.55 6.24 -6.82
CA ASN B 252 -1.09 7.24 -7.76
C ASN B 252 -0.31 7.25 -9.06
N TYR B 253 1.02 7.18 -8.97
CA TYR B 253 1.85 7.13 -10.17
C TYR B 253 1.57 5.89 -11.00
N ASP B 254 1.64 4.71 -10.37
CA ASP B 254 1.34 3.49 -11.07
C ASP B 254 -0.12 3.45 -11.53
N GLN B 255 -1.01 4.20 -10.88
CA GLN B 255 -2.38 4.32 -11.36
C GLN B 255 -2.41 5.00 -12.73
N LEU B 256 -1.70 6.12 -12.87
CA LEU B 256 -1.61 6.74 -14.18
C LEU B 256 -0.95 5.80 -15.18
N VAL B 257 0.03 5.01 -14.73
CA VAL B 257 0.67 4.04 -15.61
C VAL B 257 -0.34 3.02 -16.11
N ARG B 258 -1.18 2.49 -15.22
CA ARG B 258 -2.20 1.53 -15.61
C ARG B 258 -3.17 2.14 -16.62
N ILE B 259 -3.54 3.41 -16.42
CA ILE B 259 -4.42 4.06 -17.38
C ILE B 259 -3.72 4.17 -18.74
N ALA B 260 -2.45 4.58 -18.74
CA ALA B 260 -1.74 4.80 -19.99
C ALA B 260 -1.50 3.50 -20.75
N LYS B 261 -1.43 2.37 -20.04
CA LYS B 261 -1.28 1.09 -20.73
C LYS B 261 -2.52 0.69 -21.50
N VAL B 262 -3.67 1.31 -21.23
CA VAL B 262 -4.90 1.04 -21.96
C VAL B 262 -5.20 2.14 -22.97
N LEU B 263 -5.21 3.40 -22.53
CA LEU B 263 -5.54 4.51 -23.42
C LEU B 263 -4.36 4.97 -24.26
N GLY B 264 -3.15 4.51 -23.99
CA GLY B 264 -1.99 4.92 -24.77
C GLY B 264 -1.35 6.18 -24.22
N THR B 265 -0.05 6.31 -24.47
CA THR B 265 0.71 7.44 -23.98
C THR B 265 0.66 8.65 -24.91
N GLU B 266 0.30 8.46 -26.18
CA GLU B 266 0.31 9.57 -27.13
C GLU B 266 -0.79 10.57 -26.81
N ASP B 267 -2.02 10.07 -26.58
CA ASP B 267 -3.08 10.97 -26.16
C ASP B 267 -2.77 11.61 -24.81
N LEU B 268 -2.07 10.90 -23.93
CA LEU B 268 -1.70 11.47 -22.64
C LEU B 268 -0.76 12.66 -22.82
N TYR B 269 0.28 12.50 -23.65
CA TYR B 269 1.21 13.60 -23.86
C TYR B 269 0.56 14.74 -24.65
N ASP B 270 -0.35 14.44 -25.56
CA ASP B 270 -1.14 15.50 -26.19
C ASP B 270 -1.94 16.27 -25.15
N TYR B 271 -2.52 15.54 -24.18
CA TYR B 271 -3.28 16.16 -23.10
C TYR B 271 -2.42 17.12 -22.29
N ILE B 272 -1.26 16.65 -21.83
CA ILE B 272 -0.44 17.52 -20.98
C ILE B 272 0.16 18.65 -21.80
N ASP B 273 0.33 18.46 -23.12
CA ASP B 273 0.80 19.57 -23.95
C ASP B 273 -0.26 20.63 -24.12
N LYS B 274 -1.53 20.21 -24.29
CA LYS B 274 -2.60 21.17 -24.53
C LYS B 274 -2.77 22.13 -23.35
N TYR B 275 -2.65 21.62 -22.13
CA TYR B 275 -2.84 22.44 -20.94
C TYR B 275 -1.53 22.87 -20.30
N ASN B 276 -0.39 22.61 -20.93
CA ASN B 276 0.92 23.04 -20.44
C ASN B 276 1.16 22.56 -19.01
N ILE B 277 0.88 21.27 -18.79
CA ILE B 277 0.94 20.69 -17.46
C ILE B 277 2.39 20.32 -17.14
N GLU B 278 2.84 20.68 -15.95
CA GLU B 278 4.17 20.28 -15.47
C GLU B 278 4.09 18.87 -14.92
N LEU B 279 4.61 17.91 -15.68
CA LEU B 279 4.61 16.53 -15.24
C LEU B 279 5.66 16.31 -14.16
N ASP B 280 5.24 15.74 -13.04
CA ASP B 280 6.17 15.30 -12.00
C ASP B 280 7.33 14.52 -12.64
N PRO B 281 8.58 14.86 -12.33
CA PRO B 281 9.71 14.19 -13.01
C PRO B 281 9.71 12.68 -12.86
N ARG B 282 9.20 12.16 -11.74
CA ARG B 282 9.22 10.72 -11.50
C ARG B 282 8.42 9.92 -12.51
N PHE B 283 7.42 10.54 -13.16
CA PHE B 283 6.68 9.82 -14.20
C PHE B 283 7.59 9.44 -15.36
N ASN B 284 8.67 10.20 -15.57
CA ASN B 284 9.56 10.01 -16.71
C ASN B 284 9.94 8.54 -16.88
N ASP B 285 10.43 7.92 -15.81
CA ASP B 285 10.97 6.56 -15.88
C ASP B 285 9.92 5.47 -15.69
N ILE B 286 8.63 5.82 -15.67
CA ILE B 286 7.61 4.78 -15.50
C ILE B 286 6.50 4.84 -16.54
N LEU B 287 6.24 5.97 -17.19
CA LEU B 287 5.17 6.04 -18.17
C LEU B 287 5.50 5.21 -19.42
N GLY B 288 6.71 5.38 -19.94
CA GLY B 288 7.13 4.63 -21.11
C GLY B 288 6.36 4.99 -22.36
N ARG B 289 6.29 4.04 -23.29
CA ARG B 289 5.57 4.18 -24.55
C ARG B 289 4.53 3.07 -24.65
N HIS B 290 3.28 3.45 -24.86
CA HIS B 290 2.20 2.47 -24.92
C HIS B 290 1.18 2.84 -25.99
N SER B 291 0.77 1.84 -26.76
CA SER B 291 -0.27 2.03 -27.76
C SER B 291 -1.65 2.01 -27.11
N ARG B 292 -2.61 2.65 -27.76
CA ARG B 292 -4.00 2.61 -27.32
C ARG B 292 -4.58 1.25 -27.68
N LYS B 293 -5.08 0.53 -26.67
CA LYS B 293 -5.57 -0.81 -26.86
C LYS B 293 -7.05 -0.82 -27.26
N ARG B 294 -7.44 -1.88 -27.97
CA ARG B 294 -8.83 -2.11 -28.29
C ARG B 294 -9.50 -2.86 -27.15
N TRP B 295 -10.76 -2.49 -26.86
CA TRP B 295 -11.46 -3.03 -25.70
C TRP B 295 -11.66 -4.54 -25.78
N GLU B 296 -11.59 -5.11 -26.98
CA GLU B 296 -11.79 -6.55 -27.17
C GLU B 296 -10.86 -7.39 -26.31
N ARG B 297 -9.70 -6.85 -25.92
CA ARG B 297 -8.74 -7.60 -25.12
C ARG B 297 -9.25 -7.88 -23.71
N PHE B 298 -10.32 -7.23 -23.28
CA PHE B 298 -10.90 -7.47 -21.97
C PHE B 298 -12.18 -8.31 -22.05
N VAL B 299 -12.57 -8.74 -23.24
CA VAL B 299 -13.79 -9.53 -23.45
C VAL B 299 -13.43 -11.00 -23.44
N HIS B 300 -14.21 -11.81 -22.72
CA HIS B 300 -14.00 -13.24 -22.66
C HIS B 300 -15.35 -13.92 -22.41
N SER B 301 -15.31 -15.24 -22.28
CA SER B 301 -16.54 -16.03 -22.27
C SER B 301 -17.43 -15.71 -21.07
N GLU B 302 -16.85 -15.25 -19.96
CA GLU B 302 -17.63 -15.01 -18.75
C GLU B 302 -18.27 -13.62 -18.71
N ASN B 303 -17.84 -12.68 -19.56
CA ASN B 303 -18.42 -11.35 -19.55
C ASN B 303 -19.03 -10.92 -20.89
N GLN B 304 -18.95 -11.74 -21.93
CA GLN B 304 -19.36 -11.29 -23.26
C GLN B 304 -20.84 -10.95 -23.32
N HIS B 305 -21.66 -11.58 -22.46
CA HIS B 305 -23.09 -11.27 -22.44
C HIS B 305 -23.37 -9.86 -21.92
N LEU B 306 -22.37 -9.18 -21.35
CA LEU B 306 -22.51 -7.83 -20.86
C LEU B 306 -21.88 -6.79 -21.78
N VAL B 307 -21.12 -7.22 -22.78
CA VAL B 307 -20.38 -6.33 -23.67
C VAL B 307 -21.09 -6.28 -25.01
N SER B 308 -21.26 -5.08 -25.54
CA SER B 308 -21.90 -4.87 -26.83
C SER B 308 -21.23 -3.68 -27.50
N PRO B 309 -21.41 -3.52 -28.82
CA PRO B 309 -20.87 -2.32 -29.49
C PRO B 309 -21.30 -1.02 -28.84
N GLU B 310 -22.57 -0.93 -28.42
CA GLU B 310 -23.07 0.28 -27.78
C GLU B 310 -22.35 0.53 -26.46
N ALA B 311 -22.18 -0.52 -25.65
CA ALA B 311 -21.48 -0.37 -24.37
C ALA B 311 -20.05 0.11 -24.56
N LEU B 312 -19.36 -0.45 -25.57
CA LEU B 312 -17.97 -0.06 -25.80
C LEU B 312 -17.88 1.37 -26.33
N ASP B 313 -18.81 1.76 -27.20
CA ASP B 313 -18.83 3.14 -27.70
C ASP B 313 -19.04 4.12 -26.55
N PHE B 314 -20.02 3.85 -25.69
CA PHE B 314 -20.29 4.69 -24.54
C PHE B 314 -19.07 4.77 -23.61
N LEU B 315 -18.50 3.62 -23.26
CA LEU B 315 -17.33 3.58 -22.40
C LEU B 315 -16.18 4.40 -22.99
N ASP B 316 -15.91 4.21 -24.28
CA ASP B 316 -14.84 4.97 -24.92
C ASP B 316 -15.11 6.47 -24.85
N LYS B 317 -16.36 6.87 -24.97
CA LYS B 317 -16.66 8.30 -24.86
C LYS B 317 -16.63 8.81 -23.42
N LEU B 318 -16.60 7.93 -22.43
CA LEU B 318 -16.38 8.41 -21.07
C LEU B 318 -14.91 8.53 -20.69
N LEU B 319 -14.08 7.54 -21.06
CA LEU B 319 -12.70 7.47 -20.59
C LEU B 319 -11.76 8.18 -21.56
N ARG B 320 -11.71 9.50 -21.45
CA ARG B 320 -10.79 10.34 -22.21
C ARG B 320 -9.88 11.07 -21.25
N TYR B 321 -8.60 11.24 -21.62
CA TYR B 321 -7.69 12.06 -20.82
C TYR B 321 -8.21 13.48 -20.70
N ASP B 322 -8.52 14.11 -21.84
CA ASP B 322 -8.98 15.49 -21.87
C ASP B 322 -10.38 15.56 -21.26
N HIS B 323 -10.46 16.14 -20.06
CA HIS B 323 -11.74 16.24 -19.36
C HIS B 323 -12.79 17.00 -20.17
N GLN B 324 -12.35 17.94 -21.02
CA GLN B 324 -13.30 18.70 -21.82
C GLN B 324 -13.92 17.87 -22.93
N SER B 325 -13.32 16.74 -23.29
N SER B 325 -13.33 16.73 -23.28
CA SER B 325 -13.83 15.89 -24.36
CA SER B 325 -13.84 15.90 -24.37
C SER B 325 -14.74 14.77 -23.87
C SER B 325 -14.70 14.73 -23.87
N ARG B 326 -14.84 14.57 -22.56
CA ARG B 326 -15.70 13.53 -22.03
C ARG B 326 -17.17 13.91 -22.18
N LEU B 327 -18.02 12.90 -22.30
CA LEU B 327 -19.46 13.15 -22.33
C LEU B 327 -19.91 13.82 -21.05
N THR B 328 -20.85 14.77 -21.18
CA THR B 328 -21.57 15.24 -20.02
C THR B 328 -22.61 14.20 -19.59
N ALA B 329 -23.16 14.39 -18.40
CA ALA B 329 -24.15 13.45 -17.89
C ALA B 329 -25.38 13.39 -18.80
N ARG B 330 -25.81 14.54 -19.32
CA ARG B 330 -26.99 14.56 -20.19
C ARG B 330 -26.70 13.92 -21.54
N GLU B 331 -25.57 14.29 -22.15
CA GLU B 331 -25.11 13.63 -23.37
C GLU B 331 -25.04 12.12 -23.16
N ALA B 332 -24.46 11.69 -22.03
CA ALA B 332 -24.42 10.28 -21.70
C ALA B 332 -25.81 9.66 -21.66
N MET B 333 -26.77 10.36 -21.03
CA MET B 333 -28.13 9.85 -20.95
C MET B 333 -28.79 9.73 -22.31
N GLU B 334 -28.31 10.47 -23.31
CA GLU B 334 -28.90 10.38 -24.64
C GLU B 334 -28.22 9.34 -25.54
N HIS B 335 -27.30 8.53 -24.99
CA HIS B 335 -26.54 7.57 -25.79
C HIS B 335 -27.40 6.35 -26.16
N PRO B 336 -27.15 5.76 -27.33
CA PRO B 336 -27.90 4.55 -27.73
C PRO B 336 -27.88 3.43 -26.68
N TYR B 337 -26.79 3.31 -25.92
CA TYR B 337 -26.70 2.31 -24.86
C TYR B 337 -27.93 2.28 -23.97
N PHE B 338 -28.64 3.39 -23.85
CA PHE B 338 -29.77 3.52 -22.95
C PHE B 338 -31.13 3.55 -23.64
N TYR B 339 -31.18 3.42 -24.98
CA TYR B 339 -32.45 3.52 -25.69
C TYR B 339 -33.51 2.61 -25.06
N THR B 340 -33.17 1.33 -24.88
CA THR B 340 -34.13 0.39 -24.33
C THR B 340 -34.58 0.79 -22.93
N VAL B 341 -33.66 1.33 -22.12
CA VAL B 341 -34.04 1.79 -20.79
C VAL B 341 -34.97 2.99 -20.89
N VAL B 342 -34.72 3.88 -21.84
CA VAL B 342 -35.58 5.05 -22.00
C VAL B 342 -36.99 4.62 -22.42
N LYS B 343 -37.12 3.45 -23.05
CA LYS B 343 -38.42 2.86 -23.43
C LYS B 343 -39.07 3.69 -24.53
C13 A1ITG C . 8.37 -18.03 -1.25
C25 A1ITG C . 10.19 -21.13 3.66
C02 A1ITG C . 8.46 -18.71 -0.03
C03 A1ITG C . 8.12 -18.04 1.20
C04 A1ITG C . 8.09 -18.43 2.63
C05 A1ITG C . 7.67 -17.34 3.42
C06 A1ITG C . 7.42 -16.18 2.50
C08 A1ITG C . 7.72 -16.69 1.12
C09 A1ITG C . 7.64 -16.01 -0.10
C11 A1ITG C . 7.97 -16.67 -1.29
C15 A1ITG C . 7.65 -17.72 4.78
C16 A1ITG C . 7.30 -17.01 6.08
C18 A1ITG C . 7.35 -17.74 7.36
C19 A1ITG C . 7.19 -19.23 7.21
C20 A1ITG C . 8.14 -19.83 6.18
C21 A1ITG C . 8.06 -19.07 4.78
C23 A1ITG C . 8.77 -20.82 3.19
C24 A1ITG C . 7.71 -21.90 3.45
N22 A1ITG C . 8.32 -19.47 3.52
O07 A1ITG C . 7.05 -15.10 2.82
O17 A1ITG C . 6.98 -15.87 6.05
BR01 A1ITG C . 9.02 -20.56 0.02
BR10 A1ITG C . 7.07 -14.16 -0.16
BR12 A1ITG C . 7.86 -15.74 -2.98
BR14 A1ITG C . 8.83 -18.95 -2.90
S SO4 D . 8.67 -4.28 16.57
O1 SO4 D . 10.00 -3.80 16.18
O2 SO4 D . 8.75 -4.91 17.88
O3 SO4 D . 7.76 -3.15 16.62
O4 SO4 D . 8.20 -5.25 15.58
S SO4 E . 13.50 -13.63 21.13
O1 SO4 E . 14.09 -14.87 20.61
O2 SO4 E . 12.24 -13.93 21.79
O3 SO4 E . 14.42 -13.03 22.09
O4 SO4 E . 13.27 -12.70 20.03
S SO4 F . -8.33 -1.60 7.60
O1 SO4 F . -7.33 -1.39 6.56
O2 SO4 F . -8.18 -2.95 8.15
O3 SO4 F . -8.13 -0.62 8.67
O4 SO4 F . -9.66 -1.46 7.03
C13 A1ITG G . -26.42 3.20 4.02
C25 A1ITG G . -20.99 0.26 3.54
C02 A1ITG G . -25.12 2.66 4.21
C03 A1ITG G . -24.01 3.53 4.38
C04 A1ITG G . -22.55 3.33 4.59
C05 A1ITG G . -21.91 4.59 4.69
C06 A1ITG G . -22.95 5.65 4.55
C08 A1ITG G . -24.25 4.93 4.35
C09 A1ITG G . -25.52 5.45 4.16
C11 A1ITG G . -26.61 4.60 4.00
C15 A1ITG G . -20.53 4.39 4.89
C16 A1ITG G . -19.36 5.34 5.07
C18 A1ITG G . -18.00 4.81 5.31
C19 A1ITG G . -18.00 3.43 5.91
C20 A1ITG G . -18.87 2.43 5.13
C21 A1ITG G . -20.35 2.99 4.91
C23 A1ITG G . -21.71 0.93 4.70
C24 A1ITG G . -21.44 0.30 6.07
N22 A1ITG G . -21.55 2.39 4.73
O07 A1ITG G . -22.77 6.82 4.63
O17 A1ITG G . -19.54 6.51 5.02
BR01 A1ITG G . -24.88 0.74 4.23
BR10 A1ITG G . -25.79 7.37 4.13
BR12 A1ITG G . -28.40 5.33 3.74
BR14 A1ITG G . -27.93 2.01 3.79
S SO4 H . -10.90 19.39 0.13
O1 SO4 H . -10.17 18.14 -0.11
O2 SO4 H . -11.82 19.21 1.24
O3 SO4 H . -9.94 20.45 0.45
O4 SO4 H . -11.64 19.76 -1.08
S SO4 I . -4.60 10.37 -2.00
O1 SO4 I . -3.97 9.76 -3.16
O2 SO4 I . -4.91 9.35 -1.01
O3 SO4 I . -3.71 11.37 -1.42
O4 SO4 I . -5.85 11.03 -2.42
S SO4 J . -19.21 22.77 20.16
O1 SO4 J . -18.58 22.44 18.89
O2 SO4 J . -20.54 22.18 20.20
O3 SO4 J . -18.38 22.26 21.25
O4 SO4 J . -19.34 24.22 20.29
S SO4 K . -21.55 24.44 15.43
O1 SO4 K . -20.93 23.14 15.59
O2 SO4 K . -22.75 24.51 16.26
O3 SO4 K . -20.62 25.48 15.83
O4 SO4 K . -21.93 24.64 14.03
S SO4 L . -9.41 27.84 8.30
O1 SO4 L . -8.80 27.46 7.03
O2 SO4 L . -10.34 26.80 8.73
O3 SO4 L . -8.37 28.03 9.31
O4 SO4 L . -10.14 29.09 8.13
#